data_8GUL
#
_entry.id   8GUL
#
_cell.length_a   113.433
_cell.length_b   113.433
_cell.length_c   213.761
_cell.angle_alpha   90.000
_cell.angle_beta   90.000
_cell.angle_gamma   90.000
#
_symmetry.space_group_name_H-M   'P 41 21 2'
#
loop_
_entity.id
_entity.type
_entity.pdbx_description
1 polymer 'GlcNAc-binding protein A'
2 non-polymer 'COPPER (II) ION'
3 non-polymer 'SULFATE ION'
4 water water
#
_entity_poly.entity_id   1
_entity_poly.type   'polypeptide(L)'
_entity_poly.pdbx_seq_one_letter_code
;HGYVSAYENGVAEGRATLCRVPANDTNEKNTNCGGIEYEPQSVEGPDGFPETGPRDGKIASAENSLAAALDEQTADRWVK
RPIQSGNQHFEWNFTANHITKDWKYYITKADWNPNQPLARDSFDLNPFCVVDGGMVKPPMRVSHLCNVPEREGYQVILAV
WDVGDTAASFYNVIDVKFDGDSPVLPDWNQGGQIYPSQDLNVGDSVYTRVFGQNGENVSYSTELVIDSEELGAANNWSHA
LATKINQEQTMLQAGQLNAEGVISPIYGTNPIYLKQGSGLKNVEIDYKINSTAPEYDLEVYGLESEYIIGDSATQLDLTL
EATGDIKTEMTVYNHHHESLSSHSAELSDGQVEAATMTLSKSEPGHHMLVVVVKDQQGKVIEQNTLDFHLIEEQTPPPSG
EYDFVFPEGLNTYTAGTKVLASDGAVYQCKEFPFSGYCTQWSPSATQFEPGKGSHWSEAWNKVN
;
_entity_poly.pdbx_strand_id   A,B
#
loop_
_chem_comp.id
_chem_comp.type
_chem_comp.name
_chem_comp.formula
CU non-polymer 'COPPER (II) ION' 'Cu 2'
SO4 non-polymer 'SULFATE ION' 'O4 S -2'
#
# COMPACT_ATOMS: atom_id res chain seq x y z
N HIS A 1 -7.68 -10.80 -16.28
CA HIS A 1 -7.63 -9.58 -15.49
C HIS A 1 -6.82 -8.51 -16.20
N GLY A 2 -7.34 -7.29 -16.21
CA GLY A 2 -6.67 -6.20 -16.90
C GLY A 2 -7.46 -4.92 -16.75
N TYR A 3 -6.82 -3.82 -17.12
CA TYR A 3 -7.45 -2.52 -16.95
C TYR A 3 -7.04 -1.59 -18.08
N VAL A 4 -7.88 -0.58 -18.32
CA VAL A 4 -7.58 0.42 -19.34
C VAL A 4 -6.48 1.33 -18.82
N SER A 5 -5.37 1.39 -19.55
CA SER A 5 -4.16 2.06 -19.10
C SER A 5 -3.70 3.07 -20.14
N ALA A 6 -2.58 3.72 -19.84
CA ALA A 6 -1.97 4.68 -20.75
C ALA A 6 -0.46 4.66 -20.57
N TYR A 7 0.12 3.46 -20.51
CA TYR A 7 1.57 3.33 -20.42
C TYR A 7 2.27 3.60 -21.73
N GLU A 8 1.55 3.52 -22.86
CA GLU A 8 2.15 3.76 -24.16
C GLU A 8 1.34 4.78 -24.96
N ASN A 9 0.49 4.31 -25.87
CA ASN A 9 -0.29 5.19 -26.72
C ASN A 9 -1.71 5.41 -26.23
N GLY A 10 -2.07 4.89 -25.06
CA GLY A 10 -3.43 5.01 -24.59
C GLY A 10 -3.85 6.46 -24.43
N VAL A 11 -5.11 6.75 -24.78
CA VAL A 11 -5.58 8.12 -24.75
C VAL A 11 -6.02 8.54 -23.34
N ALA A 12 -6.44 7.59 -22.51
CA ALA A 12 -6.94 7.91 -21.19
C ALA A 12 -6.98 6.66 -20.33
N GLU A 13 -6.56 6.79 -19.08
CA GLU A 13 -6.66 5.70 -18.12
C GLU A 13 -8.09 5.56 -17.63
N GLY A 14 -8.48 4.33 -17.32
CA GLY A 14 -9.79 4.09 -16.76
C GLY A 14 -9.93 4.61 -15.34
N ARG A 15 -11.18 4.71 -14.89
CA ARG A 15 -11.45 5.25 -13.57
C ARG A 15 -10.79 4.43 -12.48
N ALA A 16 -10.97 3.11 -12.50
CA ALA A 16 -10.32 2.26 -11.51
C ALA A 16 -8.81 2.31 -11.63
N THR A 17 -8.29 2.46 -12.84
CA THR A 17 -6.84 2.53 -13.03
C THR A 17 -6.25 3.73 -12.31
N LEU A 18 -6.93 4.88 -12.41
CA LEU A 18 -6.47 6.10 -11.75
C LEU A 18 -6.60 6.04 -10.23
N CYS A 19 -7.27 5.01 -9.69
CA CYS A 19 -7.30 4.80 -8.24
C CYS A 19 -5.96 4.31 -7.71
N ARG A 20 -5.09 3.80 -8.59
CA ARG A 20 -3.78 3.27 -8.20
C ARG A 20 -2.64 3.91 -8.96
N VAL A 21 -2.81 4.16 -10.25
CA VAL A 21 -1.76 4.63 -11.14
C VAL A 21 -2.01 6.11 -11.43
N PRO A 22 -1.08 7.01 -11.10
CA PRO A 22 -1.29 8.43 -11.41
C PRO A 22 -1.39 8.65 -12.91
N ALA A 23 -2.13 9.70 -13.28
CA ALA A 23 -2.40 9.99 -14.68
C ALA A 23 -1.10 10.22 -15.44
N ASN A 24 -1.19 10.06 -16.76
CA ASN A 24 0.00 10.10 -17.62
C ASN A 24 0.77 11.39 -17.44
N ASP A 25 0.10 12.53 -17.55
CA ASP A 25 0.75 13.83 -17.49
C ASP A 25 0.42 14.63 -16.24
N THR A 26 -0.86 14.66 -15.85
CA THR A 26 -1.29 15.49 -14.73
C THR A 26 -0.89 14.93 -13.37
N ASN A 27 -0.49 13.67 -13.30
CA ASN A 27 -0.10 13.00 -12.05
C ASN A 27 -1.28 12.87 -11.08
N GLU A 28 -2.51 13.07 -11.56
CA GLU A 28 -3.70 13.00 -10.73
C GLU A 28 -4.08 11.55 -10.41
N LYS A 29 -4.90 11.40 -9.37
CA LYS A 29 -5.39 10.09 -8.95
C LYS A 29 -6.77 10.25 -8.35
N ASN A 30 -7.63 9.27 -8.62
CA ASN A 30 -8.94 9.20 -7.97
C ASN A 30 -8.77 8.93 -6.48
N THR A 31 -9.73 9.40 -5.69
CA THR A 31 -9.66 9.31 -4.24
C THR A 31 -10.82 8.47 -3.72
N ASN A 32 -10.55 7.75 -2.62
CA ASN A 32 -11.56 7.02 -1.86
C ASN A 32 -12.25 5.96 -2.73
N CYS A 33 -11.44 5.05 -3.26
CA CYS A 33 -11.91 4.02 -4.18
C CYS A 33 -12.20 2.69 -3.51
N GLY A 34 -11.87 2.53 -2.23
CA GLY A 34 -12.05 1.26 -1.58
C GLY A 34 -10.96 0.28 -1.97
N GLY A 35 -11.29 -1.01 -1.83
CA GLY A 35 -10.30 -2.06 -2.06
C GLY A 35 -9.79 -2.13 -3.49
N ILE A 36 -10.57 -1.64 -4.45
CA ILE A 36 -10.19 -1.74 -5.85
C ILE A 36 -8.89 -0.98 -6.14
N GLU A 37 -8.49 -0.06 -5.25
CA GLU A 37 -7.28 0.70 -5.47
C GLU A 37 -6.03 -0.18 -5.44
N TYR A 38 -6.11 -1.35 -4.82
CA TYR A 38 -5.01 -2.29 -4.79
C TYR A 38 -5.00 -3.25 -5.98
N GLU A 39 -6.15 -3.42 -6.66
CA GLU A 39 -6.29 -4.43 -7.71
C GLU A 39 -7.21 -3.90 -8.80
N PRO A 40 -6.79 -2.84 -9.51
CA PRO A 40 -7.67 -2.25 -10.52
C PRO A 40 -7.95 -3.17 -11.71
N GLN A 41 -7.22 -4.27 -11.83
CA GLN A 41 -7.43 -5.23 -12.91
C GLN A 41 -8.59 -6.18 -12.64
N SER A 42 -9.36 -5.96 -11.57
CA SER A 42 -10.34 -6.94 -11.10
C SER A 42 -11.78 -6.42 -11.15
N VAL A 43 -12.08 -5.44 -12.00
CA VAL A 43 -13.47 -4.99 -12.10
C VAL A 43 -14.20 -5.95 -13.01
N GLU A 44 -14.56 -7.11 -12.46
CA GLU A 44 -15.10 -8.24 -13.21
C GLU A 44 -16.54 -8.50 -12.80
N GLY A 45 -17.38 -8.79 -13.78
CA GLY A 45 -18.78 -9.05 -13.54
C GLY A 45 -19.40 -9.93 -14.60
N PRO A 46 -20.69 -10.24 -14.46
CA PRO A 46 -21.35 -11.11 -15.44
C PRO A 46 -21.36 -10.48 -16.83
N ASP A 47 -21.20 -11.32 -17.85
CA ASP A 47 -21.17 -10.85 -19.23
C ASP A 47 -22.60 -10.61 -19.71
N GLY A 48 -22.77 -10.40 -21.01
CA GLY A 48 -24.08 -10.21 -21.59
C GLY A 48 -24.55 -8.77 -21.69
N PHE A 49 -23.70 -7.81 -21.37
CA PHE A 49 -24.09 -6.40 -21.50
C PHE A 49 -24.34 -6.07 -22.97
N PRO A 50 -25.35 -5.24 -23.28
CA PRO A 50 -26.27 -4.58 -22.36
C PRO A 50 -27.59 -5.30 -22.12
N GLU A 51 -27.82 -6.41 -22.81
CA GLU A 51 -29.08 -7.14 -22.64
C GLU A 51 -29.23 -7.65 -21.21
N THR A 52 -28.28 -8.47 -20.76
CA THR A 52 -28.30 -9.01 -19.40
C THR A 52 -26.87 -9.03 -18.89
N GLY A 53 -26.48 -8.01 -18.14
CA GLY A 53 -25.18 -8.00 -17.50
C GLY A 53 -25.25 -7.39 -16.11
N PRO A 54 -24.31 -6.50 -15.79
CA PRO A 54 -24.43 -5.72 -14.55
C PRO A 54 -25.64 -4.82 -14.60
N ARG A 55 -26.45 -4.86 -13.54
CA ARG A 55 -27.68 -4.08 -13.52
C ARG A 55 -27.36 -2.58 -13.44
N ASP A 56 -28.37 -1.77 -13.73
CA ASP A 56 -28.22 -0.33 -13.70
C ASP A 56 -27.77 0.14 -12.31
N GLY A 57 -26.87 1.12 -12.29
CA GLY A 57 -26.28 1.60 -11.06
C GLY A 57 -25.05 0.84 -10.60
N LYS A 58 -24.83 -0.37 -11.14
CA LYS A 58 -23.69 -1.19 -10.78
C LYS A 58 -22.77 -1.43 -11.98
N ILE A 59 -22.92 -0.65 -13.04
CA ILE A 59 -22.12 -0.85 -14.24
C ILE A 59 -20.65 -0.54 -13.96
N ALA A 60 -20.37 0.58 -13.30
CA ALA A 60 -18.99 0.98 -13.06
C ALA A 60 -18.25 -0.01 -12.18
N SER A 61 -18.96 -0.65 -11.26
CA SER A 61 -18.35 -1.66 -10.39
C SER A 61 -18.50 -3.08 -10.93
N ALA A 62 -19.27 -3.27 -12.01
CA ALA A 62 -19.58 -4.59 -12.54
C ALA A 62 -20.18 -5.50 -11.46
N GLU A 63 -20.90 -4.89 -10.51
CA GLU A 63 -21.51 -5.56 -9.37
C GLU A 63 -20.49 -6.20 -8.44
N ASN A 64 -19.21 -5.89 -8.60
CA ASN A 64 -18.17 -6.40 -7.72
C ASN A 64 -18.12 -5.55 -6.45
N SER A 65 -18.23 -6.19 -5.29
CA SER A 65 -18.16 -5.47 -4.02
C SER A 65 -16.82 -4.76 -3.85
N LEU A 66 -15.75 -5.36 -4.34
CA LEU A 66 -14.42 -4.76 -4.23
C LEU A 66 -14.38 -3.37 -4.84
N ALA A 67 -15.15 -3.15 -5.92
CA ALA A 67 -15.15 -1.88 -6.64
C ALA A 67 -16.45 -1.10 -6.46
N ALA A 68 -17.19 -1.37 -5.38
CA ALA A 68 -18.50 -0.74 -5.20
C ALA A 68 -18.41 0.78 -5.15
N ALA A 69 -17.28 1.34 -4.72
CA ALA A 69 -17.14 2.79 -4.65
C ALA A 69 -17.20 3.44 -6.03
N LEU A 70 -16.86 2.71 -7.09
CA LEU A 70 -16.90 3.29 -8.43
C LEU A 70 -18.30 3.62 -8.89
N ASP A 71 -19.32 3.06 -8.24
CA ASP A 71 -20.70 3.29 -8.67
C ASP A 71 -21.22 4.68 -8.32
N GLU A 72 -20.50 5.46 -7.53
CA GLU A 72 -20.90 6.83 -7.25
C GLU A 72 -20.71 7.67 -8.51
N GLN A 73 -21.69 8.55 -8.78
CA GLN A 73 -21.69 9.30 -10.03
C GLN A 73 -22.16 10.73 -9.77
N THR A 74 -21.23 11.67 -9.75
CA THR A 74 -21.54 13.10 -9.72
C THR A 74 -20.65 13.82 -10.72
N ALA A 75 -20.93 15.11 -10.91
CA ALA A 75 -20.23 15.89 -11.92
C ALA A 75 -18.77 16.14 -11.56
N ASP A 76 -18.37 15.92 -10.31
CA ASP A 76 -17.01 16.24 -9.89
C ASP A 76 -16.39 15.14 -9.03
N ARG A 77 -16.90 13.91 -9.10
CA ARG A 77 -16.40 12.83 -8.26
C ARG A 77 -15.07 12.27 -8.77
N TRP A 78 -14.87 12.25 -10.09
CA TRP A 78 -13.78 11.51 -10.69
C TRP A 78 -12.87 12.42 -11.50
N VAL A 79 -11.60 12.01 -11.60
CA VAL A 79 -10.66 12.69 -12.49
C VAL A 79 -11.08 12.48 -13.93
N LYS A 80 -11.08 13.54 -14.70
CA LYS A 80 -11.51 13.51 -16.09
C LYS A 80 -10.30 13.70 -17.00
N ARG A 81 -10.15 12.80 -17.98
CA ARG A 81 -9.00 12.86 -18.87
C ARG A 81 -9.40 13.49 -20.20
N PRO A 82 -8.57 14.37 -20.75
CA PRO A 82 -8.95 15.05 -21.99
C PRO A 82 -8.93 14.10 -23.18
N ILE A 83 -9.91 14.29 -24.08
CA ILE A 83 -10.05 13.44 -25.25
C ILE A 83 -10.59 14.28 -26.39
N GLN A 84 -10.30 13.85 -27.62
CA GLN A 84 -10.74 14.53 -28.83
C GLN A 84 -11.65 13.60 -29.62
N SER A 85 -12.45 14.20 -30.50
CA SER A 85 -13.29 13.42 -31.40
C SER A 85 -12.43 12.64 -32.38
N GLY A 86 -13.07 11.69 -33.06
CA GLY A 86 -12.37 10.92 -34.08
C GLY A 86 -11.57 9.78 -33.49
N ASN A 87 -10.50 9.41 -34.19
CA ASN A 87 -9.73 8.22 -33.86
C ASN A 87 -8.86 8.45 -32.62
N GLN A 88 -8.96 7.53 -31.68
CA GLN A 88 -8.16 7.56 -30.45
C GLN A 88 -7.68 6.15 -30.14
N HIS A 89 -6.56 6.07 -29.43
CA HIS A 89 -6.01 4.79 -29.02
C HIS A 89 -6.50 4.44 -27.62
N PHE A 90 -7.19 3.31 -27.51
CA PHE A 90 -7.66 2.80 -26.22
C PHE A 90 -6.80 1.60 -25.85
N GLU A 91 -6.10 1.68 -24.72
CA GLU A 91 -5.06 0.74 -24.34
C GLU A 91 -5.51 -0.09 -23.15
N TRP A 92 -5.35 -1.41 -23.26
CA TRP A 92 -5.60 -2.34 -22.16
C TRP A 92 -4.27 -2.92 -21.68
N ASN A 93 -4.12 -3.02 -20.36
CA ASN A 93 -2.95 -3.63 -19.75
C ASN A 93 -3.42 -4.84 -18.94
N PHE A 94 -3.00 -6.02 -19.36
CA PHE A 94 -3.47 -7.27 -18.76
C PHE A 94 -2.45 -7.82 -17.77
N THR A 95 -2.97 -8.39 -16.68
CA THR A 95 -2.18 -9.26 -15.82
C THR A 95 -2.41 -10.73 -16.12
N ALA A 96 -3.54 -11.06 -16.74
CA ALA A 96 -3.84 -12.41 -17.21
C ALA A 96 -4.53 -12.25 -18.57
N ASN A 97 -3.78 -12.52 -19.65
CA ASN A 97 -4.27 -12.31 -21.01
C ASN A 97 -5.19 -13.46 -21.40
N HIS A 98 -6.45 -13.35 -20.98
CA HIS A 98 -7.42 -14.40 -21.22
C HIS A 98 -7.82 -14.45 -22.69
N ILE A 99 -8.24 -15.65 -23.12
CA ILE A 99 -8.87 -15.80 -24.44
C ILE A 99 -10.03 -14.82 -24.54
N THR A 100 -10.02 -14.01 -25.59
CA THR A 100 -10.91 -12.86 -25.70
C THR A 100 -11.98 -13.11 -26.76
N LYS A 101 -13.24 -12.91 -26.36
CA LYS A 101 -14.32 -12.94 -27.34
C LYS A 101 -14.34 -11.67 -28.18
N ASP A 102 -14.42 -10.51 -27.52
CA ASP A 102 -14.36 -9.24 -28.21
C ASP A 102 -14.18 -8.12 -27.19
N TRP A 103 -13.89 -6.93 -27.70
CA TRP A 103 -13.92 -5.70 -26.93
C TRP A 103 -15.02 -4.81 -27.49
N LYS A 104 -15.73 -4.11 -26.61
CA LYS A 104 -16.77 -3.17 -27.02
C LYS A 104 -16.67 -1.91 -26.19
N TYR A 105 -16.86 -0.76 -26.85
CA TYR A 105 -16.76 0.55 -26.23
C TYR A 105 -18.06 1.31 -26.45
N TYR A 106 -18.66 1.78 -25.36
CA TYR A 106 -19.88 2.57 -25.41
C TYR A 106 -19.59 3.94 -24.81
N ILE A 107 -20.18 4.97 -25.39
CA ILE A 107 -20.06 6.33 -24.87
C ILE A 107 -21.45 6.80 -24.45
N THR A 108 -21.47 7.65 -23.43
CA THR A 108 -22.73 8.19 -22.93
C THR A 108 -23.41 9.03 -24.00
N LYS A 109 -24.72 9.18 -23.86
CA LYS A 109 -25.47 10.07 -24.72
C LYS A 109 -24.96 11.50 -24.54
N ALA A 110 -25.14 12.32 -25.59
CA ALA A 110 -24.61 13.67 -25.56
C ALA A 110 -25.16 14.46 -24.38
N ASP A 111 -26.43 14.26 -24.04
CA ASP A 111 -27.10 14.97 -22.96
C ASP A 111 -27.34 14.08 -21.75
N TRP A 112 -26.40 13.18 -21.48
CA TRP A 112 -26.51 12.30 -20.32
C TRP A 112 -26.40 13.11 -19.02
N ASN A 113 -26.84 12.51 -17.93
CA ASN A 113 -26.85 13.18 -16.63
C ASN A 113 -25.69 12.69 -15.79
N PRO A 114 -24.71 13.54 -15.46
CA PRO A 114 -23.56 13.07 -14.66
C PRO A 114 -23.85 12.95 -13.18
N ASN A 115 -24.98 13.47 -12.69
CA ASN A 115 -25.36 13.36 -11.29
C ASN A 115 -26.30 12.18 -11.04
N GLN A 116 -26.56 11.37 -12.06
CA GLN A 116 -27.39 10.18 -12.02
C GLN A 116 -26.50 8.94 -12.15
N PRO A 117 -26.77 7.88 -11.40
CA PRO A 117 -25.93 6.67 -11.52
C PRO A 117 -25.94 6.13 -12.94
N LEU A 118 -24.78 5.58 -13.34
CA LEU A 118 -24.62 5.07 -14.69
C LEU A 118 -25.61 3.95 -14.97
N ALA A 119 -26.36 4.08 -16.06
CA ALA A 119 -27.37 3.12 -16.45
C ALA A 119 -27.35 2.94 -17.96
N ARG A 120 -28.11 1.95 -18.43
CA ARG A 120 -28.22 1.74 -19.87
C ARG A 120 -28.82 2.95 -20.56
N ASP A 121 -29.78 3.61 -19.90
CA ASP A 121 -30.37 4.83 -20.45
C ASP A 121 -29.34 5.95 -20.61
N SER A 122 -28.23 5.89 -19.86
CA SER A 122 -27.22 6.92 -19.94
C SER A 122 -26.30 6.77 -21.15
N PHE A 123 -26.24 5.58 -21.74
CA PHE A 123 -25.31 5.29 -22.82
C PHE A 123 -26.02 5.17 -24.16
N ASP A 124 -25.26 5.39 -25.22
CA ASP A 124 -25.65 4.99 -26.57
C ASP A 124 -25.41 3.48 -26.64
N LEU A 125 -26.47 2.69 -26.49
CA LEU A 125 -26.33 1.24 -26.40
C LEU A 125 -25.79 0.62 -27.69
N ASN A 126 -25.67 1.39 -28.77
CA ASN A 126 -24.96 0.92 -29.96
C ASN A 126 -23.49 1.31 -29.81
N PRO A 127 -22.58 0.36 -29.65
CA PRO A 127 -21.18 0.72 -29.37
C PRO A 127 -20.54 1.42 -30.55
N PHE A 128 -19.72 2.43 -30.25
CA PHE A 128 -19.01 3.15 -31.29
C PHE A 128 -17.73 2.45 -31.73
N CYS A 129 -17.38 1.33 -31.08
CA CYS A 129 -16.18 0.59 -31.44
C CYS A 129 -16.35 -0.85 -31.00
N VAL A 130 -16.12 -1.79 -31.92
CA VAL A 130 -16.15 -3.22 -31.64
C VAL A 130 -14.90 -3.84 -32.25
N VAL A 131 -14.22 -4.67 -31.47
CA VAL A 131 -13.02 -5.37 -31.90
C VAL A 131 -13.22 -6.85 -31.66
N ASP A 132 -13.28 -7.63 -32.74
CA ASP A 132 -13.42 -9.08 -32.61
C ASP A 132 -12.16 -9.66 -31.99
N GLY A 133 -12.31 -10.26 -30.80
CA GLY A 133 -11.17 -10.87 -30.13
C GLY A 133 -10.66 -12.11 -30.81
N GLY A 134 -11.48 -12.76 -31.64
CA GLY A 134 -11.07 -13.95 -32.35
C GLY A 134 -10.90 -15.19 -31.50
N MET A 135 -11.35 -15.16 -30.24
CA MET A 135 -11.22 -16.29 -29.32
C MET A 135 -9.76 -16.74 -29.19
N VAL A 136 -8.86 -15.77 -29.10
CA VAL A 136 -7.44 -16.03 -28.89
C VAL A 136 -6.92 -15.09 -27.82
N LYS A 137 -5.74 -15.41 -27.27
CA LYS A 137 -5.16 -14.59 -26.22
C LYS A 137 -4.50 -13.35 -26.84
N PRO A 138 -4.71 -12.18 -26.26
CA PRO A 138 -4.00 -10.98 -26.71
C PRO A 138 -2.63 -10.88 -26.08
N PRO A 139 -1.76 -10.00 -26.57
CA PRO A 139 -0.55 -9.67 -25.83
C PRO A 139 -0.88 -9.07 -24.48
N MET A 140 0.12 -9.05 -23.59
CA MET A 140 -0.08 -8.53 -22.24
C MET A 140 -0.50 -7.07 -22.24
N ARG A 141 -0.34 -6.36 -23.35
CA ARG A 141 -0.79 -4.98 -23.49
C ARG A 141 -1.16 -4.74 -24.94
N VAL A 142 -2.40 -4.27 -25.17
CA VAL A 142 -2.89 -4.02 -26.52
C VAL A 142 -3.50 -2.62 -26.57
N SER A 143 -3.70 -2.13 -27.79
CA SER A 143 -4.39 -0.88 -28.03
C SER A 143 -5.35 -1.06 -29.21
N HIS A 144 -6.48 -0.37 -29.13
CA HIS A 144 -7.52 -0.43 -30.16
C HIS A 144 -7.76 0.97 -30.71
N LEU A 145 -7.67 1.11 -32.03
CA LEU A 145 -7.98 2.37 -32.69
C LEU A 145 -9.49 2.48 -32.84
N CYS A 146 -10.10 3.42 -32.13
CA CYS A 146 -11.55 3.57 -32.10
C CYS A 146 -11.95 4.97 -32.54
N ASN A 147 -13.03 5.05 -33.30
CA ASN A 147 -13.54 6.32 -33.81
C ASN A 147 -14.48 6.90 -32.76
N VAL A 148 -13.96 7.79 -31.93
CA VAL A 148 -14.75 8.37 -30.83
C VAL A 148 -15.77 9.34 -31.41
N PRO A 149 -17.05 9.23 -31.04
CA PRO A 149 -18.04 10.19 -31.53
C PRO A 149 -17.76 11.60 -31.00
N GLU A 150 -18.34 12.57 -31.69
CA GLU A 150 -18.20 13.97 -31.28
C GLU A 150 -19.06 14.25 -30.05
N ARG A 151 -18.45 14.86 -29.05
CA ARG A 151 -19.12 15.18 -27.79
C ARG A 151 -18.60 16.52 -27.27
N GLU A 152 -19.15 16.95 -26.14
CA GLU A 152 -18.73 18.18 -25.48
C GLU A 152 -18.80 17.99 -23.98
N GLY A 153 -17.74 18.39 -23.28
CA GLY A 153 -17.74 18.37 -21.83
C GLY A 153 -17.48 17.01 -21.22
N TYR A 154 -18.14 16.73 -20.10
CA TYR A 154 -17.93 15.50 -19.36
C TYR A 154 -18.72 14.37 -20.01
N GLN A 155 -18.01 13.33 -20.46
CA GLN A 155 -18.62 12.12 -20.99
C GLN A 155 -17.95 10.92 -20.32
N VAL A 156 -18.60 9.77 -20.40
CA VAL A 156 -18.08 8.53 -19.84
C VAL A 156 -18.06 7.47 -20.93
N ILE A 157 -16.92 6.81 -21.08
CA ILE A 157 -16.74 5.71 -22.03
C ILE A 157 -16.70 4.42 -21.24
N LEU A 158 -17.54 3.46 -21.62
CA LEU A 158 -17.56 2.14 -21.01
C LEU A 158 -16.80 1.16 -21.90
N ALA A 159 -15.69 0.63 -21.38
CA ALA A 159 -14.88 -0.33 -22.10
C ALA A 159 -15.16 -1.71 -21.53
N VAL A 160 -15.74 -2.59 -22.35
CA VAL A 160 -16.11 -3.94 -21.94
C VAL A 160 -15.18 -4.93 -22.60
N TRP A 161 -14.52 -5.75 -21.78
CA TRP A 161 -13.66 -6.83 -22.24
C TRP A 161 -14.38 -8.14 -21.98
N ASP A 162 -14.92 -8.76 -23.03
CA ASP A 162 -15.68 -9.99 -22.91
C ASP A 162 -14.71 -11.17 -22.97
N VAL A 163 -14.56 -11.86 -21.85
CA VAL A 163 -13.63 -12.98 -21.75
C VAL A 163 -14.26 -14.21 -22.40
N GLY A 164 -13.46 -14.92 -23.21
CA GLY A 164 -14.01 -15.98 -24.04
C GLY A 164 -14.21 -17.30 -23.33
N ASP A 165 -13.43 -17.59 -22.28
CA ASP A 165 -13.49 -18.88 -21.61
C ASP A 165 -14.14 -18.80 -20.23
N THR A 166 -14.86 -17.72 -19.94
CA THR A 166 -15.67 -17.61 -18.73
C THR A 166 -16.99 -16.97 -19.09
N ALA A 167 -17.87 -16.91 -18.09
CA ALA A 167 -19.14 -16.20 -18.22
C ALA A 167 -19.05 -14.75 -17.74
N ALA A 168 -17.84 -14.21 -17.61
CA ALA A 168 -17.63 -12.89 -17.04
C ALA A 168 -17.07 -11.92 -18.08
N SER A 169 -17.26 -10.64 -17.82
CA SER A 169 -16.64 -9.57 -18.57
C SER A 169 -16.06 -8.55 -17.61
N PHE A 170 -14.98 -7.89 -18.05
CA PHE A 170 -14.36 -6.81 -17.30
C PHE A 170 -14.88 -5.48 -17.82
N TYR A 171 -15.37 -4.64 -16.91
CA TYR A 171 -16.00 -3.37 -17.25
C TYR A 171 -15.14 -2.25 -16.67
N ASN A 172 -14.68 -1.34 -17.52
CA ASN A 172 -13.88 -0.20 -17.09
C ASN A 172 -14.51 1.07 -17.66
N VAL A 173 -15.28 1.78 -16.84
CA VAL A 173 -15.75 3.10 -17.22
C VAL A 173 -14.57 4.06 -17.24
N ILE A 174 -14.62 5.03 -18.15
CA ILE A 174 -13.57 6.02 -18.32
C ILE A 174 -14.20 7.40 -18.27
N ASP A 175 -13.71 8.25 -17.38
CA ASP A 175 -14.18 9.63 -17.27
C ASP A 175 -13.33 10.49 -18.20
N VAL A 176 -13.97 11.05 -19.23
CA VAL A 176 -13.25 11.83 -20.23
C VAL A 176 -13.86 13.23 -20.33
N LYS A 177 -13.09 14.14 -20.91
CA LYS A 177 -13.49 15.54 -21.08
C LYS A 177 -13.23 15.95 -22.52
N PHE A 178 -14.28 16.32 -23.23
CA PHE A 178 -14.16 16.81 -24.60
C PHE A 178 -13.98 18.32 -24.56
N ASP A 179 -12.73 18.76 -24.63
CA ASP A 179 -12.46 20.20 -24.67
C ASP A 179 -12.25 20.67 -26.09
N GLY A 180 -11.12 20.29 -26.70
CA GLY A 180 -10.80 20.71 -28.05
C GLY A 180 -10.64 22.20 -28.22
N ASP A 181 -11.53 22.81 -29.02
CA ASP A 181 -11.48 24.25 -29.20
C ASP A 181 -11.95 24.95 -27.92
N SER A 182 -11.80 26.27 -27.92
CA SER A 182 -12.13 27.12 -26.77
C SER A 182 -11.32 26.69 -25.54
N PRO A 183 -10.08 27.13 -25.42
CA PRO A 183 -9.29 26.80 -24.22
C PRO A 183 -9.95 27.35 -22.97
N VAL A 184 -10.16 26.48 -21.99
CA VAL A 184 -10.90 26.83 -20.77
C VAL A 184 -9.95 27.58 -19.84
N LEU A 185 -10.25 28.87 -19.61
CA LEU A 185 -9.47 29.74 -18.74
C LEU A 185 -7.99 29.72 -19.10
N PRO A 186 -7.60 30.36 -20.21
CA PRO A 186 -6.17 30.38 -20.56
C PRO A 186 -5.32 31.23 -19.63
N ASP A 187 -5.93 32.05 -18.77
CA ASP A 187 -5.22 32.89 -17.83
C ASP A 187 -5.18 32.29 -16.43
N TRP A 188 -5.37 30.98 -16.31
CA TRP A 188 -5.31 30.29 -15.02
C TRP A 188 -4.64 28.94 -15.21
N ASN A 189 -3.60 28.69 -14.42
CA ASN A 189 -2.84 27.45 -14.50
C ASN A 189 -2.86 26.74 -13.16
N GLN A 190 -2.98 25.42 -13.20
CA GLN A 190 -3.01 24.64 -11.97
C GLN A 190 -1.60 24.53 -11.39
N GLY A 191 -1.49 24.73 -10.08
CA GLY A 191 -0.20 24.68 -9.42
C GLY A 191 -0.20 23.88 -8.14
N GLY A 192 -1.34 23.28 -7.81
CA GLY A 192 -1.45 22.48 -6.61
C GLY A 192 -2.84 21.89 -6.51
N GLN A 193 -3.00 21.02 -5.51
CA GLN A 193 -4.26 20.34 -5.27
C GLN A 193 -4.52 20.24 -3.78
N ILE A 194 -5.79 20.28 -3.41
CA ILE A 194 -6.21 20.02 -2.03
C ILE A 194 -6.79 18.61 -2.04
N TYR A 195 -5.92 17.62 -1.82
CA TYR A 195 -6.41 16.26 -1.70
C TYR A 195 -7.07 16.04 -0.35
N PRO A 196 -8.18 15.30 -0.29
CA PRO A 196 -8.73 14.91 1.02
C PRO A 196 -7.83 13.89 1.68
N SER A 197 -6.72 14.37 2.26
CA SER A 197 -5.61 13.49 2.61
C SER A 197 -5.83 12.77 3.94
N GLN A 198 -6.58 13.35 4.85
CA GLN A 198 -6.71 12.80 6.19
C GLN A 198 -7.87 13.49 6.89
N ASP A 199 -8.39 12.83 7.92
CA ASP A 199 -9.36 13.46 8.79
C ASP A 199 -8.63 14.26 9.86
N LEU A 200 -9.20 15.39 10.25
CA LEU A 200 -8.61 16.26 11.25
C LEU A 200 -9.55 16.37 12.44
N ASN A 201 -8.99 16.78 13.58
CA ASN A 201 -9.74 16.91 14.82
C ASN A 201 -9.95 18.38 15.16
N VAL A 202 -10.86 18.61 16.11
CA VAL A 202 -11.12 19.96 16.58
C VAL A 202 -9.86 20.50 17.24
N GLY A 203 -9.48 21.72 16.87
CA GLY A 203 -8.24 22.31 17.29
C GLY A 203 -7.16 22.27 16.24
N ASP A 204 -7.22 21.29 15.33
CA ASP A 204 -6.31 21.26 14.20
C ASP A 204 -6.62 22.41 13.24
N SER A 205 -5.67 22.66 12.33
CA SER A 205 -5.92 23.59 11.24
C SER A 205 -5.14 23.12 10.02
N VAL A 206 -5.66 23.47 8.85
CA VAL A 206 -5.03 23.19 7.57
C VAL A 206 -4.80 24.51 6.86
N TYR A 207 -3.65 24.67 6.23
CA TYR A 207 -3.31 25.92 5.59
C TYR A 207 -2.49 25.67 4.34
N THR A 208 -2.38 26.72 3.52
CA THR A 208 -1.67 26.65 2.24
C THR A 208 -0.32 27.34 2.33
N ARG A 209 0.58 26.92 1.44
CA ARG A 209 1.93 27.48 1.34
C ARG A 209 2.20 27.73 -0.13
N VAL A 210 2.06 28.99 -0.55
CA VAL A 210 2.18 29.36 -1.96
C VAL A 210 3.64 29.67 -2.27
N PHE A 211 4.12 29.13 -3.39
CA PHE A 211 5.51 29.24 -3.81
C PHE A 211 5.56 30.07 -5.08
N GLY A 212 6.32 31.17 -5.03
CA GLY A 212 6.38 32.12 -6.13
C GLY A 212 7.81 32.48 -6.48
N GLN A 213 7.98 33.71 -6.96
CA GLN A 213 9.29 34.17 -7.42
C GLN A 213 10.29 34.34 -6.29
N ASN A 214 9.82 34.56 -5.06
CA ASN A 214 10.70 34.82 -3.93
C ASN A 214 10.53 33.77 -2.83
N GLY A 215 10.26 32.53 -3.23
CA GLY A 215 10.00 31.47 -2.27
C GLY A 215 8.55 31.46 -1.82
N GLU A 216 8.32 31.17 -0.55
CA GLU A 216 6.97 31.20 0.00
C GLU A 216 6.61 32.61 0.46
N ASN A 217 5.35 33.00 0.25
CA ASN A 217 4.87 34.34 0.55
C ASN A 217 3.57 34.20 1.33
N VAL A 218 3.60 34.53 2.62
CA VAL A 218 2.48 34.22 3.52
C VAL A 218 1.34 35.21 3.32
N SER A 219 1.54 36.20 2.44
CA SER A 219 0.43 37.10 2.11
C SER A 219 -0.70 36.36 1.42
N TYR A 220 -0.39 35.36 0.59
CA TYR A 220 -1.39 34.57 -0.10
C TYR A 220 -1.83 33.35 0.69
N SER A 221 -1.29 33.13 1.89
CA SER A 221 -1.63 31.94 2.65
C SER A 221 -3.05 32.05 3.21
N THR A 222 -3.70 30.90 3.28
CA THR A 222 -5.04 30.78 3.85
C THR A 222 -5.01 29.68 4.89
N GLU A 223 -5.58 29.93 6.07
CA GLU A 223 -5.66 28.93 7.12
C GLU A 223 -7.12 28.67 7.46
N LEU A 224 -7.46 27.39 7.59
CA LEU A 224 -8.78 26.95 8.03
C LEU A 224 -8.64 26.26 9.37
N VAL A 225 -9.34 26.77 10.37
CA VAL A 225 -9.34 26.18 11.70
C VAL A 225 -10.48 25.18 11.80
N ILE A 226 -10.17 23.93 12.12
CA ILE A 226 -11.19 22.90 12.33
C ILE A 226 -11.87 23.16 13.65
N ASP A 227 -13.05 23.79 13.60
CA ASP A 227 -13.80 24.14 14.81
C ASP A 227 -15.05 23.29 15.00
N SER A 228 -15.17 22.17 14.29
CA SER A 228 -16.33 21.31 14.44
C SER A 228 -15.97 19.89 14.02
N GLU A 229 -16.66 18.92 14.61
CA GLU A 229 -16.40 17.52 14.29
C GLU A 229 -16.68 17.22 12.82
N GLU A 230 -17.71 17.85 12.26
CA GLU A 230 -18.07 17.60 10.88
C GLU A 230 -17.07 18.23 9.92
N LEU A 231 -16.46 19.36 10.29
CA LEU A 231 -15.44 19.96 9.45
C LEU A 231 -14.15 19.13 9.43
N GLY A 232 -14.01 18.17 10.34
CA GLY A 232 -12.83 17.32 10.34
C GLY A 232 -12.80 16.29 9.23
N ALA A 233 -13.95 16.03 8.59
CA ALA A 233 -13.97 15.08 7.49
C ALA A 233 -13.14 15.61 6.32
N ALA A 234 -12.31 14.73 5.75
CA ALA A 234 -11.35 15.15 4.74
C ALA A 234 -12.02 15.88 3.59
N ASN A 235 -13.20 15.41 3.16
CA ASN A 235 -13.91 16.09 2.08
C ASN A 235 -14.48 17.43 2.54
N ASN A 236 -14.78 17.57 3.84
CA ASN A 236 -15.40 18.80 4.32
C ASN A 236 -14.39 19.95 4.36
N TRP A 237 -13.26 19.75 5.05
CA TRP A 237 -12.30 20.83 5.15
C TRP A 237 -11.58 21.10 3.84
N SER A 238 -11.57 20.13 2.92
CA SER A 238 -11.06 20.43 1.58
C SER A 238 -11.96 21.41 0.87
N HIS A 239 -13.28 21.24 1.00
CA HIS A 239 -14.23 22.18 0.40
C HIS A 239 -14.18 23.52 1.11
N ALA A 240 -14.07 23.52 2.44
CA ALA A 240 -14.05 24.77 3.19
C ALA A 240 -12.77 25.55 2.95
N LEU A 241 -11.62 24.86 2.89
CA LEU A 241 -10.37 25.54 2.61
C LEU A 241 -10.37 26.17 1.23
N ALA A 242 -10.89 25.45 0.23
CA ALA A 242 -11.02 26.02 -1.11
C ALA A 242 -11.95 27.23 -1.11
N THR A 243 -13.01 27.18 -0.30
CA THR A 243 -13.94 28.29 -0.21
C THR A 243 -13.29 29.51 0.43
N LYS A 244 -12.62 29.30 1.56
CA LYS A 244 -11.94 30.40 2.23
C LYS A 244 -10.81 30.96 1.39
N ILE A 245 -10.17 30.12 0.58
CA ILE A 245 -9.14 30.58 -0.35
C ILE A 245 -9.73 31.58 -1.33
N ASN A 246 -10.92 31.29 -1.86
CA ASN A 246 -11.52 32.19 -2.85
C ASN A 246 -12.02 33.48 -2.22
N GLN A 247 -12.36 33.46 -0.93
CA GLN A 247 -12.79 34.68 -0.26
C GLN A 247 -11.65 35.66 -0.08
N GLU A 248 -10.47 35.16 0.29
CA GLU A 248 -9.38 36.00 0.77
C GLU A 248 -8.32 36.29 -0.29
N GLN A 249 -8.28 35.54 -1.39
CA GLN A 249 -7.26 35.71 -2.39
C GLN A 249 -7.88 36.06 -3.73
N THR A 250 -7.05 36.62 -4.62
CA THR A 250 -7.48 36.99 -5.96
C THR A 250 -6.54 36.41 -7.00
N MET A 251 -5.28 36.20 -6.62
CA MET A 251 -4.29 35.64 -7.54
C MET A 251 -4.33 34.12 -7.58
N LEU A 252 -5.22 33.48 -6.85
CA LEU A 252 -5.36 32.04 -6.91
C LEU A 252 -6.77 31.65 -6.49
N GLN A 253 -7.30 30.62 -7.15
CA GLN A 253 -8.61 30.08 -6.84
C GLN A 253 -8.51 28.56 -6.75
N ALA A 254 -9.32 27.99 -5.86
CA ALA A 254 -9.29 26.56 -5.61
C ALA A 254 -10.64 25.94 -5.92
N GLY A 255 -10.62 24.80 -6.61
CA GLY A 255 -11.85 24.12 -7.00
C GLY A 255 -11.81 23.55 -8.40
N GLN A 256 -12.84 22.78 -8.76
CA GLN A 256 -12.91 22.15 -10.08
C GLN A 256 -13.60 23.08 -11.08
N LEU A 257 -13.15 23.01 -12.32
CA LEU A 257 -13.84 23.71 -13.40
C LEU A 257 -15.20 23.09 -13.65
N ASN A 258 -16.24 23.90 -13.59
CA ASN A 258 -17.60 23.42 -13.84
C ASN A 258 -17.89 23.49 -15.34
N ALA A 259 -19.17 23.49 -15.71
CA ALA A 259 -19.54 23.53 -17.12
C ALA A 259 -19.33 24.90 -17.76
N GLU A 260 -19.22 25.96 -16.95
CA GLU A 260 -19.03 27.31 -17.45
C GLU A 260 -17.57 27.76 -17.40
N GLY A 261 -16.65 26.84 -17.14
CA GLY A 261 -15.26 27.23 -16.97
C GLY A 261 -15.00 28.11 -15.77
N VAL A 262 -15.80 27.95 -14.72
CA VAL A 262 -15.67 28.71 -13.49
C VAL A 262 -15.19 27.80 -12.39
N ILE A 263 -14.17 28.23 -11.66
CA ILE A 263 -13.56 27.41 -10.62
C ILE A 263 -14.47 27.38 -9.41
N SER A 264 -14.98 26.19 -9.07
CA SER A 264 -15.94 26.02 -7.99
C SER A 264 -15.45 24.94 -7.03
N PRO A 265 -15.42 25.21 -5.73
CA PRO A 265 -14.98 24.18 -4.78
C PRO A 265 -15.93 22.99 -4.77
N ILE A 266 -15.35 21.80 -4.55
CA ILE A 266 -16.10 20.56 -4.51
C ILE A 266 -15.78 19.84 -3.21
N TYR A 267 -16.56 18.80 -2.91
CA TYR A 267 -16.36 17.99 -1.72
C TYR A 267 -15.46 16.79 -2.03
N GLY A 268 -14.26 17.11 -2.51
CA GLY A 268 -13.27 16.11 -2.83
C GLY A 268 -11.93 16.76 -3.09
N THR A 269 -11.25 16.36 -4.16
CA THR A 269 -9.98 16.98 -4.54
C THR A 269 -10.27 18.32 -5.20
N ASN A 270 -9.73 19.40 -4.61
CA ASN A 270 -9.91 20.75 -5.14
C ASN A 270 -8.60 21.22 -5.75
N PRO A 271 -8.45 21.24 -7.07
CA PRO A 271 -7.24 21.80 -7.67
C PRO A 271 -7.12 23.29 -7.36
N ILE A 272 -5.88 23.77 -7.36
CA ILE A 272 -5.57 25.16 -7.05
C ILE A 272 -4.97 25.79 -8.30
N TYR A 273 -5.61 26.84 -8.80
CA TYR A 273 -5.19 27.51 -10.01
C TYR A 273 -4.51 28.83 -9.66
N LEU A 274 -3.52 29.20 -10.47
CA LEU A 274 -2.71 30.39 -10.26
C LEU A 274 -2.89 31.34 -11.43
N LYS A 275 -3.21 32.59 -11.12
CA LYS A 275 -3.47 33.60 -12.15
C LYS A 275 -2.19 33.89 -12.92
N GLN A 276 -2.30 33.91 -14.25
CA GLN A 276 -1.16 34.23 -15.09
C GLN A 276 -0.68 35.66 -14.80
N GLY A 277 0.64 35.83 -14.73
CA GLY A 277 1.22 37.12 -14.45
C GLY A 277 1.35 37.45 -12.98
N SER A 278 0.94 36.56 -12.08
CA SER A 278 1.07 36.79 -10.65
C SER A 278 2.42 36.34 -10.10
N GLY A 279 3.18 35.54 -10.86
CA GLY A 279 4.44 35.02 -10.39
C GLY A 279 4.35 33.75 -9.57
N LEU A 280 3.14 33.30 -9.25
CA LEU A 280 2.98 32.08 -8.47
C LEU A 280 3.17 30.86 -9.36
N LYS A 281 3.82 29.83 -8.81
CA LYS A 281 4.14 28.63 -9.58
C LYS A 281 3.78 27.32 -8.89
N ASN A 282 3.56 27.31 -7.58
CA ASN A 282 3.22 26.06 -6.89
C ASN A 282 2.58 26.38 -5.56
N VAL A 283 1.57 25.60 -5.19
CA VAL A 283 0.91 25.69 -3.89
C VAL A 283 0.96 24.31 -3.26
N GLU A 284 1.35 24.25 -1.98
CA GLU A 284 1.34 23.02 -1.21
C GLU A 284 0.49 23.20 0.03
N ILE A 285 0.12 22.09 0.65
CA ILE A 285 -0.77 22.07 1.80
C ILE A 285 0.06 21.66 3.03
N ASP A 286 -0.28 22.23 4.17
CA ASP A 286 0.35 21.87 5.43
C ASP A 286 -0.71 21.86 6.53
N TYR A 287 -0.35 21.29 7.68
CA TYR A 287 -1.31 21.02 8.74
C TYR A 287 -0.69 21.35 10.10
N LYS A 288 -1.50 21.93 10.97
CA LYS A 288 -1.13 22.16 12.37
C LYS A 288 -1.92 21.15 13.21
N ILE A 289 -1.23 20.17 13.77
CA ILE A 289 -1.88 19.14 14.59
C ILE A 289 -1.80 19.63 16.03
N ASN A 290 -2.70 20.56 16.37
CA ASN A 290 -2.73 21.18 17.68
C ASN A 290 -3.84 20.64 18.57
N SER A 291 -4.62 19.67 18.08
CA SER A 291 -5.64 19.08 18.93
C SER A 291 -4.99 18.36 20.10
N THR A 292 -5.59 18.51 21.28
CA THR A 292 -5.03 17.95 22.51
C THR A 292 -4.81 16.45 22.38
N ALA A 293 -3.55 16.03 22.27
CA ALA A 293 -3.20 14.64 22.10
C ALA A 293 -2.98 13.97 23.45
N PRO A 294 -3.67 12.86 23.74
CA PRO A 294 -3.39 12.14 24.98
C PRO A 294 -1.98 11.59 24.99
N GLU A 295 -1.46 11.36 26.19
CA GLU A 295 -0.11 10.79 26.35
C GLU A 295 -0.21 9.28 26.16
N TYR A 296 -0.14 8.84 24.90
CA TYR A 296 -0.24 7.43 24.59
C TYR A 296 0.99 6.67 25.08
N ASP A 297 0.78 5.40 25.42
CA ASP A 297 1.85 4.53 25.88
C ASP A 297 1.32 3.10 25.95
N LEU A 298 2.24 2.15 25.85
CA LEU A 298 1.92 0.74 26.01
C LEU A 298 3.02 0.08 26.84
N GLU A 299 2.61 -0.77 27.78
CA GLU A 299 3.53 -1.48 28.65
C GLU A 299 3.31 -2.98 28.48
N VAL A 300 4.36 -3.69 28.08
CA VAL A 300 4.29 -5.12 27.82
C VAL A 300 4.99 -5.85 28.96
N TYR A 301 4.23 -6.68 29.68
CA TYR A 301 4.76 -7.47 30.78
C TYR A 301 4.71 -8.95 30.43
N GLY A 302 5.65 -9.71 30.99
CA GLY A 302 5.66 -11.15 30.86
C GLY A 302 6.67 -11.72 29.90
N LEU A 303 7.40 -10.87 29.18
CA LEU A 303 8.41 -11.34 28.25
C LEU A 303 9.62 -11.84 29.04
N GLU A 304 9.84 -13.15 29.03
CA GLU A 304 10.96 -13.72 29.75
C GLU A 304 12.27 -13.41 29.04
N SER A 305 13.37 -13.47 29.80
CA SER A 305 14.69 -13.26 29.22
C SER A 305 15.09 -14.42 28.33
N GLU A 306 14.75 -15.64 28.72
CA GLU A 306 15.07 -16.84 27.96
C GLU A 306 13.86 -17.76 27.92
N TYR A 307 13.71 -18.47 26.80
CA TYR A 307 12.67 -19.48 26.62
C TYR A 307 13.34 -20.77 26.20
N ILE A 308 13.13 -21.82 26.99
CA ILE A 308 13.73 -23.12 26.68
C ILE A 308 12.88 -23.83 25.64
N ILE A 309 13.52 -24.32 24.59
CA ILE A 309 12.82 -25.02 23.51
C ILE A 309 12.27 -26.33 24.06
N GLY A 310 10.96 -26.43 24.17
CA GLY A 310 10.29 -27.59 24.71
C GLY A 310 9.71 -28.49 23.65
N ASP A 311 8.67 -29.24 24.02
CA ASP A 311 8.07 -30.19 23.09
C ASP A 311 7.30 -29.48 21.99
N SER A 312 6.53 -28.44 22.34
CA SER A 312 5.70 -27.72 21.40
C SER A 312 6.35 -26.40 21.00
N ALA A 313 5.64 -25.64 20.18
CA ALA A 313 6.14 -24.34 19.76
C ALA A 313 6.21 -23.39 20.94
N THR A 314 7.31 -22.63 21.01
CA THR A 314 7.52 -21.68 22.09
C THR A 314 6.40 -20.64 22.10
N GLN A 315 5.94 -20.29 23.30
CA GLN A 315 4.77 -19.45 23.48
C GLN A 315 5.12 -18.25 24.36
N LEU A 316 4.65 -17.07 23.95
CA LEU A 316 4.82 -15.84 24.73
C LEU A 316 3.51 -15.53 25.45
N ASP A 317 3.57 -15.49 26.78
CA ASP A 317 2.41 -15.18 27.61
C ASP A 317 2.61 -13.78 28.18
N LEU A 318 1.95 -12.79 27.56
CA LEU A 318 2.16 -11.39 27.89
C LEU A 318 0.84 -10.74 28.26
N THR A 319 0.94 -9.59 28.92
CA THR A 319 -0.20 -8.74 29.23
C THR A 319 0.20 -7.29 28.97
N LEU A 320 -0.78 -6.48 28.58
CA LEU A 320 -0.53 -5.15 28.04
C LEU A 320 -1.27 -4.09 28.83
N GLU A 321 -0.54 -3.10 29.34
CA GLU A 321 -1.14 -1.90 29.92
C GLU A 321 -1.24 -0.82 28.85
N ALA A 322 -2.46 -0.34 28.62
CA ALA A 322 -2.75 0.61 27.56
C ALA A 322 -3.01 1.98 28.17
N THR A 323 -2.13 2.94 27.91
CA THR A 323 -2.34 4.33 28.29
C THR A 323 -2.92 5.06 27.09
N GLY A 324 -4.16 5.53 27.23
CA GLY A 324 -4.88 6.12 26.12
C GLY A 324 -5.48 5.06 25.21
N ASP A 325 -6.45 5.49 24.42
CA ASP A 325 -7.12 4.59 23.48
C ASP A 325 -6.19 4.35 22.30
N ILE A 326 -5.59 3.15 22.26
CA ILE A 326 -4.50 2.86 21.33
C ILE A 326 -4.85 1.61 20.52
N LYS A 327 -4.09 1.41 19.44
CA LYS A 327 -4.16 0.21 18.62
C LYS A 327 -2.74 -0.33 18.48
N THR A 328 -2.50 -1.53 19.00
CA THR A 328 -1.16 -2.08 19.10
C THR A 328 -0.95 -3.17 18.06
N GLU A 329 0.30 -3.31 17.63
CA GLU A 329 0.70 -4.36 16.70
C GLU A 329 2.04 -4.91 17.15
N MET A 330 2.11 -6.21 17.40
CA MET A 330 3.32 -6.85 17.89
C MET A 330 3.74 -7.96 16.95
N THR A 331 5.05 -8.07 16.72
CA THR A 331 5.60 -9.06 15.81
C THR A 331 6.89 -9.61 16.39
N VAL A 332 7.13 -10.89 16.18
CA VAL A 332 8.33 -11.58 16.68
C VAL A 332 9.25 -11.86 15.51
N TYR A 333 10.50 -11.41 15.61
CA TYR A 333 11.55 -11.70 14.65
C TYR A 333 12.66 -12.48 15.33
N ASN A 334 13.44 -13.20 14.53
CA ASN A 334 14.49 -14.05 15.06
C ASN A 334 15.87 -13.48 14.75
N HIS A 335 16.90 -14.31 14.91
CA HIS A 335 18.27 -13.89 14.66
C HIS A 335 18.47 -13.41 13.23
N HIS A 336 17.77 -14.00 12.27
CA HIS A 336 17.95 -13.69 10.86
C HIS A 336 16.85 -12.81 10.30
N HIS A 337 16.17 -12.05 11.17
CA HIS A 337 15.21 -11.02 10.76
C HIS A 337 14.05 -11.63 9.98
N GLU A 338 13.49 -12.71 10.53
CA GLU A 338 12.37 -13.42 9.92
C GLU A 338 11.17 -13.40 10.87
N SER A 339 9.99 -13.13 10.31
CA SER A 339 8.79 -13.01 11.12
C SER A 339 8.31 -14.39 11.59
N LEU A 340 7.95 -14.48 12.87
CA LEU A 340 7.54 -15.76 13.47
C LEU A 340 6.19 -15.71 14.18
N SER A 341 5.64 -14.54 14.48
CA SER A 341 4.38 -14.44 15.21
C SER A 341 3.89 -13.00 15.13
N SER A 342 2.60 -12.83 15.36
CA SER A 342 1.98 -11.51 15.30
C SER A 342 0.76 -11.48 16.21
N HIS A 343 0.39 -10.27 16.64
CA HIS A 343 -0.76 -10.11 17.53
C HIS A 343 -1.24 -8.67 17.43
N SER A 344 -2.37 -8.46 16.79
CA SER A 344 -3.04 -7.16 16.78
C SER A 344 -4.01 -7.08 17.94
N ALA A 345 -4.24 -5.86 18.42
CA ALA A 345 -5.10 -5.66 19.58
C ALA A 345 -5.53 -4.20 19.64
N GLU A 346 -6.83 -3.96 19.49
CA GLU A 346 -7.38 -2.60 19.58
C GLU A 346 -7.80 -2.35 21.02
N LEU A 347 -6.81 -2.08 21.87
CA LEU A 347 -7.05 -1.82 23.28
C LEU A 347 -7.73 -0.46 23.47
N SER A 348 -8.32 -0.29 24.64
CA SER A 348 -8.88 0.98 25.07
C SER A 348 -7.98 1.59 26.14
N ASP A 349 -8.39 2.74 26.66
CA ASP A 349 -7.59 3.41 27.67
C ASP A 349 -7.69 2.67 29.01
N GLY A 350 -6.55 2.29 29.56
CA GLY A 350 -6.50 1.58 30.81
C GLY A 350 -6.78 0.09 30.72
N GLN A 351 -7.27 -0.39 29.58
CA GLN A 351 -7.61 -1.81 29.44
C GLN A 351 -6.35 -2.67 29.54
N VAL A 352 -6.44 -3.72 30.35
CA VAL A 352 -5.35 -4.66 30.54
C VAL A 352 -5.71 -5.99 29.89
N GLU A 353 -5.39 -6.12 28.60
CA GLU A 353 -5.73 -7.33 27.86
C GLU A 353 -4.56 -8.32 27.91
N ALA A 354 -4.87 -9.58 27.69
CA ALA A 354 -3.89 -10.66 27.70
C ALA A 354 -3.49 -11.00 26.27
N ALA A 355 -2.20 -11.17 26.05
CA ALA A 355 -1.67 -11.51 24.74
C ALA A 355 -0.99 -12.88 24.82
N THR A 356 -1.11 -13.65 23.74
CA THR A 356 -0.49 -14.96 23.65
C THR A 356 0.00 -15.16 22.23
N MET A 357 1.30 -15.33 22.07
CA MET A 357 1.91 -15.48 20.76
C MET A 357 2.58 -16.84 20.65
N THR A 358 2.42 -17.48 19.51
CA THR A 358 3.04 -18.77 19.23
C THR A 358 4.05 -18.60 18.11
N LEU A 359 5.28 -19.05 18.35
CA LEU A 359 6.33 -18.93 17.35
C LEU A 359 6.16 -20.03 16.32
N SER A 360 6.15 -19.65 15.04
CA SER A 360 6.10 -20.63 13.97
C SER A 360 7.37 -21.47 13.92
N LYS A 361 8.47 -20.98 14.49
CA LYS A 361 9.72 -21.73 14.59
C LYS A 361 10.33 -21.46 15.95
N SER A 362 10.56 -22.53 16.72
CA SER A 362 11.18 -22.42 18.03
C SER A 362 12.63 -22.90 17.91
N GLU A 363 13.49 -21.97 17.47
CA GLU A 363 14.90 -22.24 17.24
C GLU A 363 15.75 -21.36 18.15
N PRO A 364 16.95 -21.80 18.52
CA PRO A 364 17.78 -21.01 19.43
C PRO A 364 18.34 -19.77 18.74
N GLY A 365 18.63 -18.76 19.55
CA GLY A 365 19.25 -17.54 19.08
C GLY A 365 18.54 -16.31 19.58
N HIS A 366 19.01 -15.17 19.11
CA HIS A 366 18.45 -13.88 19.50
C HIS A 366 17.10 -13.66 18.83
N HIS A 367 16.14 -13.17 19.62
CA HIS A 367 14.81 -12.86 19.12
C HIS A 367 14.44 -11.43 19.51
N MET A 368 13.46 -10.89 18.79
CA MET A 368 12.99 -9.53 19.02
C MET A 368 11.47 -9.49 19.00
N LEU A 369 10.91 -8.65 19.86
CA LEU A 369 9.47 -8.40 19.91
C LEU A 369 9.26 -6.93 19.58
N VAL A 370 8.83 -6.65 18.34
CA VAL A 370 8.57 -5.29 17.89
C VAL A 370 7.17 -4.88 18.35
N VAL A 371 7.06 -3.72 18.98
CA VAL A 371 5.80 -3.25 19.54
C VAL A 371 5.50 -1.88 18.92
N VAL A 372 4.50 -1.85 18.04
CA VAL A 372 4.10 -0.62 17.36
C VAL A 372 2.84 -0.09 18.03
N VAL A 373 2.89 1.17 18.45
CA VAL A 373 1.78 1.81 19.15
C VAL A 373 1.15 2.84 18.23
N LYS A 374 -0.12 2.65 17.91
CA LYS A 374 -0.91 3.62 17.15
C LYS A 374 -2.06 4.11 18.03
N ASP A 375 -2.75 5.14 17.55
CA ASP A 375 -3.95 5.63 18.21
C ASP A 375 -5.18 5.00 17.56
N GLN A 376 -6.36 5.33 18.09
CA GLN A 376 -7.59 4.78 17.55
C GLN A 376 -7.84 5.18 16.11
N GLN A 377 -7.12 6.17 15.60
CA GLN A 377 -7.23 6.59 14.21
C GLN A 377 -6.14 5.99 13.33
N GLY A 378 -5.21 5.22 13.91
CA GLY A 378 -4.21 4.52 13.14
C GLY A 378 -2.90 5.25 12.95
N LYS A 379 -2.69 6.38 13.61
CA LYS A 379 -1.45 7.13 13.48
C LYS A 379 -0.35 6.48 14.32
N VAL A 380 0.78 6.19 13.69
CA VAL A 380 1.90 5.60 14.42
C VAL A 380 2.45 6.61 15.42
N ILE A 381 2.57 6.18 16.67
CA ILE A 381 3.02 7.04 17.75
C ILE A 381 4.43 6.70 18.21
N GLU A 382 4.74 5.41 18.34
CA GLU A 382 6.02 4.99 18.88
C GLU A 382 6.24 3.52 18.53
N GLN A 383 7.50 3.14 18.43
CA GLN A 383 7.87 1.73 18.24
C GLN A 383 8.95 1.37 19.25
N ASN A 384 8.79 0.21 19.89
CA ASN A 384 9.75 -0.30 20.85
C ASN A 384 10.07 -1.75 20.52
N THR A 385 11.35 -2.11 20.60
CA THR A 385 11.81 -3.46 20.26
C THR A 385 12.48 -4.05 21.49
N LEU A 386 11.85 -5.07 22.07
CA LEU A 386 12.37 -5.77 23.23
C LEU A 386 13.11 -7.03 22.78
N ASP A 387 14.17 -7.36 23.51
CA ASP A 387 15.03 -8.49 23.18
C ASP A 387 14.80 -9.66 24.13
N PHE A 388 14.93 -10.85 23.58
CA PHE A 388 14.87 -12.09 24.35
C PHE A 388 15.50 -13.19 23.52
N HIS A 389 15.79 -14.31 24.17
CA HIS A 389 16.50 -15.40 23.50
C HIS A 389 15.78 -16.72 23.72
N LEU A 390 15.97 -17.64 22.78
CA LEU A 390 15.55 -19.02 22.90
C LEU A 390 16.79 -19.89 23.02
N ILE A 391 16.78 -20.81 23.99
CA ILE A 391 17.92 -21.67 24.24
C ILE A 391 17.47 -23.12 24.17
N GLU A 392 18.39 -23.98 23.74
CA GLU A 392 18.12 -25.41 23.73
C GLU A 392 18.07 -25.93 25.17
N GLU A 393 17.33 -27.01 25.37
CA GLU A 393 17.23 -27.62 26.68
C GLU A 393 18.61 -28.07 27.17
N GLN A 394 18.97 -27.62 28.37
CA GLN A 394 20.27 -27.95 28.93
C GLN A 394 20.39 -29.45 29.16
N THR A 395 21.46 -30.03 28.63
CA THR A 395 21.74 -31.44 28.87
C THR A 395 22.01 -31.66 30.35
N PRO A 396 21.59 -32.80 30.89
CA PRO A 396 21.81 -33.09 32.31
C PRO A 396 23.29 -33.20 32.61
N PRO A 397 23.69 -33.02 33.88
CA PRO A 397 25.10 -33.15 34.22
C PRO A 397 25.59 -34.55 33.90
N PRO A 398 26.87 -34.69 33.55
CA PRO A 398 27.39 -36.03 33.22
C PRO A 398 27.37 -36.94 34.43
N SER A 399 27.03 -38.20 34.18
CA SER A 399 26.93 -39.21 35.24
C SER A 399 27.23 -40.58 34.64
N GLY A 400 27.76 -41.46 35.47
CA GLY A 400 28.15 -42.77 34.99
C GLY A 400 29.43 -42.72 34.18
N GLU A 401 29.69 -43.82 33.47
CA GLU A 401 30.89 -43.95 32.66
C GLU A 401 30.62 -43.82 31.17
N TYR A 402 29.38 -43.53 30.76
CA TYR A 402 29.06 -43.29 29.36
C TYR A 402 27.81 -42.41 29.31
N ASP A 403 27.31 -42.17 28.09
CA ASP A 403 26.16 -41.29 27.87
C ASP A 403 24.96 -42.01 27.30
N PHE A 404 25.16 -42.95 26.38
CA PHE A 404 24.07 -43.68 25.75
C PHE A 404 24.45 -45.14 25.60
N VAL A 405 23.44 -45.98 25.46
CA VAL A 405 23.61 -47.38 25.08
C VAL A 405 23.38 -47.46 23.58
N PHE A 406 24.46 -47.72 22.84
CA PHE A 406 24.40 -47.71 21.38
C PHE A 406 23.29 -48.64 20.89
N PRO A 407 22.49 -48.23 19.88
CA PRO A 407 22.61 -46.99 19.13
C PRO A 407 21.72 -45.84 19.59
N GLU A 408 21.32 -45.82 20.87
CA GLU A 408 20.44 -44.77 21.36
C GLU A 408 21.10 -43.41 21.23
N GLY A 409 20.30 -42.41 20.87
CA GLY A 409 20.82 -41.06 20.69
C GLY A 409 21.83 -40.92 19.57
N LEU A 410 21.76 -41.81 18.57
CA LEU A 410 22.76 -41.83 17.51
C LEU A 410 22.89 -40.48 16.80
N ASN A 411 21.79 -39.72 16.73
CA ASN A 411 21.81 -38.46 15.98
C ASN A 411 22.62 -37.38 16.67
N THR A 412 22.81 -37.46 17.99
CA THR A 412 23.45 -36.40 18.77
C THR A 412 24.91 -36.69 19.09
N TYR A 413 25.47 -37.77 18.53
CA TYR A 413 26.86 -38.14 18.85
C TYR A 413 27.81 -37.07 18.32
N THR A 414 28.60 -36.49 19.22
CA THR A 414 29.59 -35.48 18.88
C THR A 414 30.93 -35.87 19.47
N ALA A 415 31.92 -34.98 19.30
CA ALA A 415 33.28 -35.23 19.77
C ALA A 415 33.33 -35.37 21.28
N GLY A 416 33.56 -36.59 21.77
CA GLY A 416 33.62 -36.87 23.19
C GLY A 416 32.45 -37.66 23.73
N THR A 417 31.42 -37.91 22.92
CA THR A 417 30.26 -38.66 23.38
C THR A 417 30.65 -40.10 23.65
N LYS A 418 30.55 -40.51 24.91
CA LYS A 418 30.81 -41.90 25.29
C LYS A 418 29.54 -42.73 25.13
N VAL A 419 29.70 -43.94 24.60
CA VAL A 419 28.58 -44.85 24.41
C VAL A 419 28.97 -46.22 24.93
N LEU A 420 27.95 -46.99 25.33
CA LEU A 420 28.12 -48.38 25.73
C LEU A 420 27.75 -49.26 24.54
N ALA A 421 28.68 -50.13 24.14
CA ALA A 421 28.46 -50.97 22.98
C ALA A 421 27.92 -52.34 23.40
N SER A 422 27.55 -53.14 22.41
CA SER A 422 26.98 -54.46 22.67
C SER A 422 28.01 -55.40 23.31
N ASP A 423 29.30 -55.13 23.16
CA ASP A 423 30.33 -55.97 23.76
C ASP A 423 30.62 -55.59 25.21
N GLY A 424 29.84 -54.68 25.79
CA GLY A 424 30.01 -54.30 27.18
C GLY A 424 31.13 -53.33 27.46
N ALA A 425 31.74 -52.75 26.42
CA ALA A 425 32.81 -51.79 26.57
C ALA A 425 32.31 -50.39 26.26
N VAL A 426 33.09 -49.39 26.68
CA VAL A 426 32.77 -47.98 26.49
C VAL A 426 33.67 -47.42 25.40
N TYR A 427 33.07 -46.70 24.45
CA TYR A 427 33.78 -46.09 23.35
C TYR A 427 33.46 -44.61 23.29
N GLN A 428 34.47 -43.80 23.01
CA GLN A 428 34.30 -42.36 22.92
C GLN A 428 34.46 -41.91 21.47
N CYS A 429 33.57 -41.01 21.04
CA CYS A 429 33.60 -40.53 19.67
C CYS A 429 34.81 -39.63 19.45
N LYS A 430 35.61 -39.93 18.43
CA LYS A 430 36.82 -39.18 18.16
C LYS A 430 36.48 -37.75 17.75
N GLU A 431 37.42 -36.84 18.00
CA GLU A 431 37.19 -35.42 17.76
C GLU A 431 37.28 -35.06 16.29
N PHE A 432 37.46 -33.77 16.00
CA PHE A 432 37.39 -33.29 14.63
C PHE A 432 38.54 -33.87 13.80
N PRO A 433 38.28 -34.26 12.54
CA PRO A 433 36.97 -34.23 11.89
C PRO A 433 36.30 -35.60 11.80
N PHE A 434 36.70 -36.53 12.66
CA PHE A 434 36.18 -37.89 12.62
C PHE A 434 34.87 -38.05 13.38
N SER A 435 34.37 -37.00 14.03
CA SER A 435 33.14 -37.10 14.81
C SER A 435 31.91 -37.29 13.92
N GLY A 436 32.02 -37.02 12.62
CA GLY A 436 30.87 -37.22 11.74
C GLY A 436 30.56 -38.67 11.49
N TYR A 437 31.55 -39.55 11.62
CA TYR A 437 31.32 -40.97 11.41
C TYR A 437 30.56 -41.62 12.55
N CYS A 438 30.57 -41.01 13.75
CA CYS A 438 29.86 -41.57 14.90
C CYS A 438 28.36 -41.56 14.69
N THR A 439 27.85 -40.71 13.80
CA THR A 439 26.41 -40.62 13.55
C THR A 439 25.92 -41.62 12.50
N GLN A 440 26.82 -42.10 11.64
CA GLN A 440 26.42 -42.98 10.54
C GLN A 440 26.30 -44.41 11.05
N TRP A 441 25.07 -44.89 11.20
CA TRP A 441 24.84 -46.29 11.54
C TRP A 441 23.43 -46.66 11.14
N SER A 442 23.25 -47.93 10.79
CA SER A 442 21.95 -48.49 10.44
C SER A 442 22.04 -50.00 10.59
N PRO A 443 20.91 -50.68 10.81
CA PRO A 443 20.94 -52.14 10.89
C PRO A 443 21.39 -52.80 9.60
N SER A 444 21.34 -52.10 8.47
CA SER A 444 21.84 -52.62 7.20
C SER A 444 23.30 -52.28 6.98
N ALA A 445 23.70 -51.04 7.26
CA ALA A 445 25.10 -50.61 7.19
C ALA A 445 25.62 -50.54 8.63
N THR A 446 26.16 -51.66 9.10
CA THR A 446 26.56 -51.81 10.49
C THR A 446 28.03 -51.42 10.74
N GLN A 447 28.70 -50.87 9.74
CA GLN A 447 30.05 -50.37 9.99
C GLN A 447 29.99 -49.13 10.88
N PHE A 448 31.15 -48.78 11.44
CA PHE A 448 31.32 -47.75 12.46
C PHE A 448 30.68 -48.11 13.79
N GLU A 449 30.07 -49.28 13.90
CA GLU A 449 29.49 -49.70 15.18
C GLU A 449 30.62 -50.09 16.14
N PRO A 450 30.63 -49.56 17.36
CA PRO A 450 31.71 -49.87 18.30
C PRO A 450 31.75 -51.34 18.64
N GLY A 451 32.87 -51.98 18.31
CA GLY A 451 33.09 -53.39 18.62
C GLY A 451 32.54 -54.36 17.61
N LYS A 452 31.68 -53.93 16.70
CA LYS A 452 31.09 -54.80 15.68
C LYS A 452 31.37 -54.33 14.27
N GLY A 453 31.38 -53.02 14.02
CA GLY A 453 31.61 -52.52 12.68
C GLY A 453 33.04 -52.75 12.22
N SER A 454 33.20 -52.88 10.90
CA SER A 454 34.53 -53.10 10.34
C SER A 454 35.39 -51.86 10.33
N HIS A 455 34.80 -50.67 10.51
CA HIS A 455 35.53 -49.42 10.41
C HIS A 455 35.34 -48.53 11.65
N TRP A 456 35.01 -49.13 12.79
CA TRP A 456 34.85 -48.32 13.99
C TRP A 456 36.18 -47.76 14.48
N SER A 457 37.30 -48.31 14.02
CA SER A 457 38.60 -47.82 14.47
C SER A 457 38.82 -46.36 14.11
N GLU A 458 38.23 -45.89 13.01
CA GLU A 458 38.36 -44.50 12.60
C GLU A 458 37.33 -43.59 13.25
N ALA A 459 36.23 -44.14 13.76
CA ALA A 459 35.19 -43.34 14.37
C ALA A 459 35.25 -43.34 15.90
N TRP A 460 35.52 -44.50 16.51
CA TRP A 460 35.46 -44.64 17.96
C TRP A 460 36.83 -45.05 18.51
N ASN A 461 36.98 -44.86 19.80
CA ASN A 461 38.18 -45.29 20.54
C ASN A 461 37.74 -45.89 21.86
N LYS A 462 38.20 -47.11 22.13
CA LYS A 462 37.83 -47.77 23.38
C LYS A 462 38.43 -47.05 24.57
N VAL A 463 37.62 -46.84 25.60
CA VAL A 463 38.05 -46.14 26.80
C VAL A 463 38.54 -47.17 27.82
N ASN A 464 39.45 -46.75 28.69
CA ASN A 464 39.96 -47.61 29.75
C ASN A 464 40.15 -46.83 31.04
N HIS B 1 9.45 21.54 -1.77
CA HIS B 1 8.75 20.27 -1.75
C HIS B 1 9.19 19.37 -2.90
N GLY B 2 9.45 18.11 -2.58
CA GLY B 2 9.91 17.16 -3.58
C GLY B 2 10.15 15.81 -2.93
N TYR B 3 10.48 14.84 -3.76
CA TYR B 3 10.68 13.48 -3.27
C TYR B 3 11.66 12.75 -4.15
N VAL B 4 12.26 11.70 -3.57
CA VAL B 4 13.19 10.85 -4.31
C VAL B 4 12.40 9.95 -5.24
N SER B 5 12.67 10.06 -6.54
CA SER B 5 11.88 9.34 -7.54
C SER B 5 12.77 8.54 -8.48
N ALA B 6 12.16 7.95 -9.51
CA ALA B 6 12.91 7.22 -10.53
C ALA B 6 12.18 7.31 -11.86
N TYR B 7 11.83 8.54 -12.26
CA TYR B 7 11.16 8.72 -13.55
C TYR B 7 12.13 8.65 -14.72
N GLU B 8 13.43 8.87 -14.47
CA GLU B 8 14.42 8.91 -15.53
C GLU B 8 15.54 7.96 -15.16
N ASN B 9 16.65 8.45 -14.60
CA ASN B 9 17.80 7.63 -14.26
C ASN B 9 17.90 7.33 -12.77
N GLY B 10 16.80 7.50 -12.03
CA GLY B 10 16.84 7.25 -10.59
C GLY B 10 16.92 5.76 -10.31
N VAL B 11 17.86 5.39 -9.43
CA VAL B 11 18.09 3.98 -9.15
C VAL B 11 17.04 3.38 -8.22
N ALA B 12 16.37 4.19 -7.40
CA ALA B 12 15.41 3.66 -6.43
C ALA B 12 14.54 4.79 -5.90
N GLU B 13 13.22 4.59 -5.93
CA GLU B 13 12.31 5.56 -5.35
C GLU B 13 12.40 5.55 -3.83
N GLY B 14 12.05 6.68 -3.21
CA GLY B 14 11.99 6.75 -1.78
C GLY B 14 10.78 6.05 -1.22
N ARG B 15 10.80 5.86 0.11
CA ARG B 15 9.70 5.13 0.76
C ARG B 15 8.39 5.87 0.61
N ALA B 16 8.38 7.17 0.92
CA ALA B 16 7.16 7.96 0.78
C ALA B 16 6.71 8.02 -0.68
N THR B 17 7.66 8.06 -1.62
CA THR B 17 7.30 8.08 -3.03
C THR B 17 6.53 6.82 -3.41
N LEU B 18 6.99 5.66 -2.94
CA LEU B 18 6.33 4.40 -3.25
C LEU B 18 4.96 4.26 -2.58
N CYS B 19 4.62 5.15 -1.65
CA CYS B 19 3.27 5.14 -1.09
C CYS B 19 2.24 5.64 -2.08
N ARG B 20 2.67 6.39 -3.10
CA ARG B 20 1.78 6.95 -4.11
C ARG B 20 2.07 6.45 -5.51
N VAL B 21 3.33 6.34 -5.88
CA VAL B 21 3.75 6.06 -7.25
C VAL B 21 4.23 4.61 -7.32
N PRO B 22 3.72 3.79 -8.23
CA PRO B 22 4.22 2.42 -8.35
C PRO B 22 5.68 2.39 -8.76
N ALA B 23 6.32 1.27 -8.43
CA ALA B 23 7.71 1.03 -8.80
C ALA B 23 7.88 1.11 -10.32
N ASN B 24 9.13 1.35 -10.74
CA ASN B 24 9.46 1.46 -12.15
C ASN B 24 9.08 0.20 -12.92
N ASP B 25 9.62 -0.94 -12.50
CA ASP B 25 9.43 -2.19 -13.20
C ASP B 25 8.46 -3.13 -12.50
N THR B 26 8.56 -3.26 -11.18
CA THR B 26 7.78 -4.26 -10.45
C THR B 26 6.35 -3.83 -10.17
N ASN B 27 6.02 -2.55 -10.35
CA ASN B 27 4.69 -2.00 -10.12
C ASN B 27 4.27 -2.03 -8.66
N GLU B 28 5.23 -2.22 -7.74
CA GLU B 28 4.94 -2.32 -6.32
C GLU B 28 4.63 -0.96 -5.71
N LYS B 29 3.93 -0.99 -4.57
CA LYS B 29 3.61 0.21 -3.81
C LYS B 29 3.62 -0.14 -2.33
N ASN B 30 4.02 0.83 -1.50
CA ASN B 30 3.95 0.69 -0.06
C ASN B 30 2.51 0.83 0.42
N THR B 31 2.20 0.14 1.51
CA THR B 31 0.82 0.00 1.98
C THR B 31 0.62 0.74 3.30
N ASN B 32 -0.56 1.34 3.44
CA ASN B 32 -1.03 1.95 4.69
C ASN B 32 -0.02 2.97 5.23
N CYS B 33 0.11 4.05 4.46
CA CYS B 33 1.07 5.11 4.76
C CYS B 33 0.44 6.32 5.43
N GLY B 34 -0.88 6.34 5.58
CA GLY B 34 -1.53 7.54 6.09
C GLY B 34 -1.60 8.63 5.04
N GLY B 35 -1.78 9.86 5.51
CA GLY B 35 -2.01 10.99 4.61
C GLY B 35 -0.84 11.31 3.71
N ILE B 36 0.34 10.78 4.01
CA ILE B 36 1.52 11.08 3.20
C ILE B 36 1.40 10.49 1.80
N GLU B 37 0.54 9.47 1.62
CA GLU B 37 0.36 8.86 0.30
C GLU B 37 -0.22 9.84 -0.70
N TYR B 38 -0.92 10.87 -0.25
CA TYR B 38 -1.45 11.88 -1.16
C TYR B 38 -0.41 12.94 -1.49
N GLU B 39 0.62 13.11 -0.67
CA GLU B 39 1.56 14.22 -0.80
C GLU B 39 2.96 13.75 -0.40
N PRO B 40 3.53 12.81 -1.17
CA PRO B 40 4.88 12.31 -0.81
C PRO B 40 5.97 13.37 -0.88
N GLN B 41 5.69 14.54 -1.43
CA GLN B 41 6.67 15.62 -1.48
C GLN B 41 6.74 16.43 -0.20
N SER B 42 5.97 16.05 0.84
CA SER B 42 5.79 16.89 2.02
C SER B 42 6.51 16.35 3.26
N VAL B 43 7.45 15.43 3.10
CA VAL B 43 8.17 14.92 4.27
C VAL B 43 9.23 15.93 4.67
N GLU B 44 8.80 17.00 5.35
CA GLU B 44 9.64 18.13 5.68
C GLU B 44 9.78 18.25 7.19
N GLY B 45 11.01 18.51 7.65
CA GLY B 45 11.29 18.70 9.05
C GLY B 45 12.43 19.67 9.28
N PRO B 46 12.77 19.92 10.54
CA PRO B 46 13.87 20.84 10.83
C PRO B 46 15.20 20.33 10.27
N ASP B 47 16.10 21.27 9.99
CA ASP B 47 17.37 20.96 9.37
C ASP B 47 18.42 20.68 10.44
N GLY B 48 19.68 20.54 10.03
CA GLY B 48 20.77 20.30 10.95
C GLY B 48 21.14 18.85 11.17
N PHE B 49 20.59 17.93 10.38
CA PHE B 49 20.92 16.52 10.53
C PHE B 49 22.39 16.30 10.18
N PRO B 50 23.12 15.47 10.93
CA PRO B 50 22.66 14.66 12.07
C PRO B 50 22.83 15.30 13.44
N GLU B 51 23.53 16.44 13.54
CA GLU B 51 23.73 17.08 14.83
C GLU B 51 22.39 17.47 15.46
N THR B 52 21.50 18.07 14.67
CA THR B 52 20.16 18.41 15.12
C THR B 52 19.18 17.85 14.09
N GLY B 53 17.98 18.42 14.05
CA GLY B 53 16.97 17.99 13.12
C GLY B 53 16.00 16.99 13.72
N PRO B 54 15.48 16.08 12.90
CA PRO B 54 14.52 15.08 13.40
C PRO B 54 15.17 14.15 14.40
N ARG B 55 14.48 13.93 15.52
CA ARG B 55 15.03 13.08 16.56
C ARG B 55 14.95 11.61 16.18
N ASP B 56 15.74 10.79 16.88
CA ASP B 56 15.75 9.36 16.64
C ASP B 56 14.35 8.77 16.75
N GLY B 57 14.00 7.89 15.82
CA GLY B 57 12.66 7.33 15.75
C GLY B 57 11.68 8.15 14.97
N LYS B 58 12.01 9.38 14.61
CA LYS B 58 11.18 10.23 13.76
C LYS B 58 11.92 10.69 12.52
N ILE B 59 12.97 9.96 12.12
CA ILE B 59 13.77 10.36 10.96
C ILE B 59 12.99 10.17 9.67
N ALA B 60 12.30 9.03 9.53
CA ALA B 60 11.60 8.74 8.29
C ALA B 60 10.42 9.69 8.06
N SER B 61 9.83 10.21 9.14
CA SER B 61 8.72 11.15 9.02
C SER B 61 9.15 12.61 9.13
N ALA B 62 10.41 12.87 9.47
CA ALA B 62 10.90 14.23 9.72
C ALA B 62 10.04 14.94 10.77
N GLU B 63 9.46 14.17 11.68
CA GLU B 63 8.60 14.66 12.76
C GLU B 63 7.32 15.31 12.24
N ASN B 64 6.97 15.04 10.98
CA ASN B 64 5.72 15.52 10.40
C ASN B 64 4.63 14.50 10.69
N SER B 65 3.56 14.94 11.37
CA SER B 65 2.47 14.01 11.72
C SER B 65 1.84 13.40 10.48
N LEU B 66 1.87 14.13 9.35
CA LEU B 66 1.33 13.59 8.11
C LEU B 66 2.04 12.30 7.70
N ALA B 67 3.34 12.20 7.98
CA ALA B 67 4.14 11.05 7.58
C ALA B 67 4.47 10.12 8.74
N ALA B 68 3.69 10.17 9.82
CA ALA B 68 4.02 9.40 11.01
C ALA B 68 4.09 7.89 10.74
N ALA B 69 3.34 7.41 9.75
CA ALA B 69 3.32 5.98 9.47
C ALA B 69 4.69 5.47 9.00
N LEU B 70 5.51 6.34 8.41
CA LEU B 70 6.81 5.92 7.90
C LEU B 70 7.80 5.58 9.01
N ASP B 71 7.52 5.95 10.26
CA ASP B 71 8.48 5.74 11.34
C ASP B 71 8.55 4.29 11.80
N GLU B 72 7.60 3.44 11.40
CA GLU B 72 7.70 2.02 11.71
C GLU B 72 8.86 1.40 10.95
N GLN B 73 9.58 0.50 11.61
CA GLN B 73 10.78 -0.10 11.02
C GLN B 73 10.83 -1.58 11.38
N THR B 74 10.47 -2.45 10.44
CA THR B 74 10.63 -3.88 10.57
C THR B 74 11.22 -4.43 9.29
N ALA B 75 11.64 -5.70 9.35
CA ALA B 75 12.35 -6.30 8.22
C ALA B 75 11.46 -6.50 7.01
N ASP B 76 10.13 -6.44 7.15
CA ASP B 76 9.27 -6.70 6.01
C ASP B 76 8.15 -5.68 5.88
N ARG B 77 8.29 -4.51 6.50
CA ARG B 77 7.25 -3.49 6.42
C ARG B 77 7.24 -2.78 5.07
N TRP B 78 8.39 -2.61 4.44
CA TRP B 78 8.53 -1.71 3.31
C TRP B 78 8.98 -2.44 2.05
N VAL B 79 8.61 -1.88 0.90
CA VAL B 79 9.07 -2.38 -0.39
C VAL B 79 10.54 -2.00 -0.55
N LYS B 80 11.36 -2.98 -0.92
CA LYS B 80 12.80 -2.81 -1.06
C LYS B 80 13.19 -2.86 -2.52
N ARG B 81 14.03 -1.92 -2.96
CA ARG B 81 14.43 -1.81 -4.34
C ARG B 81 15.85 -2.31 -4.52
N PRO B 82 16.12 -3.15 -5.53
CA PRO B 82 17.49 -3.61 -5.75
C PRO B 82 18.44 -2.47 -6.08
N ILE B 83 19.69 -2.63 -5.64
CA ILE B 83 20.71 -1.61 -5.83
C ILE B 83 22.06 -2.31 -5.81
N GLN B 84 23.08 -1.67 -6.39
CA GLN B 84 24.42 -2.21 -6.44
C GLN B 84 25.38 -1.21 -5.79
N SER B 85 26.58 -1.71 -5.46
CA SER B 85 27.63 -0.85 -4.94
C SER B 85 28.14 0.07 -6.05
N GLY B 86 28.96 1.04 -5.64
CA GLY B 86 29.60 1.93 -6.59
C GLY B 86 28.76 3.14 -6.94
N ASN B 87 29.10 3.74 -8.08
CA ASN B 87 28.43 4.95 -8.53
C ASN B 87 27.00 4.63 -8.98
N GLN B 88 26.03 5.31 -8.38
CA GLN B 88 24.62 5.17 -8.72
C GLN B 88 23.99 6.54 -8.82
N HIS B 89 22.93 6.63 -9.63
CA HIS B 89 22.21 7.88 -9.86
C HIS B 89 20.97 7.91 -8.96
N PHE B 90 20.86 8.97 -8.15
CA PHE B 90 19.71 9.20 -7.30
C PHE B 90 18.95 10.42 -7.82
N GLU B 91 17.64 10.27 -7.98
CA GLU B 91 16.81 11.26 -8.64
C GLU B 91 15.85 11.91 -7.66
N TRP B 92 15.77 13.23 -7.72
CA TRP B 92 14.80 14.01 -6.96
C TRP B 92 13.79 14.65 -7.92
N ASN B 93 12.52 14.59 -7.55
CA ASN B 93 11.43 15.20 -8.32
C ASN B 93 10.79 16.26 -7.45
N PHE B 94 10.90 17.53 -7.87
CA PHE B 94 10.43 18.65 -7.07
C PHE B 94 9.09 19.15 -7.57
N THR B 95 8.20 19.48 -6.63
CA THR B 95 6.99 20.23 -6.96
C THR B 95 7.16 21.73 -6.70
N ALA B 96 8.12 22.09 -5.85
CA ALA B 96 8.51 23.48 -5.63
C ALA B 96 10.02 23.47 -5.45
N ASN B 97 10.75 23.98 -6.44
CA ASN B 97 12.21 23.90 -6.46
C ASN B 97 12.77 25.06 -5.63
N HIS B 98 12.90 24.84 -4.33
CA HIS B 98 13.45 25.86 -3.45
C HIS B 98 14.94 26.07 -3.71
N ILE B 99 15.41 27.28 -3.40
CA ILE B 99 16.84 27.56 -3.35
C ILE B 99 17.48 26.51 -2.45
N THR B 100 18.47 25.79 -2.97
CA THR B 100 19.00 24.60 -2.33
C THR B 100 20.40 24.85 -1.80
N LYS B 101 20.63 24.49 -0.54
CA LYS B 101 21.98 24.53 0.01
C LYS B 101 22.79 23.33 -0.45
N ASP B 102 22.31 22.12 -0.20
CA ASP B 102 22.99 20.91 -0.63
C ASP B 102 22.04 19.72 -0.50
N TRP B 103 22.46 18.61 -1.08
CA TRP B 103 21.85 17.30 -0.85
C TRP B 103 22.89 16.41 -0.18
N LYS B 104 22.46 15.64 0.81
CA LYS B 104 23.34 14.72 1.51
C LYS B 104 22.69 13.35 1.60
N TYR B 105 23.51 12.31 1.44
CA TYR B 105 23.03 10.93 1.42
C TYR B 105 23.79 10.13 2.46
N TYR B 106 23.04 9.45 3.33
CA TYR B 106 23.60 8.58 4.35
C TYR B 106 23.04 7.18 4.14
N ILE B 107 23.85 6.17 4.46
CA ILE B 107 23.44 4.78 4.36
C ILE B 107 23.60 4.12 5.72
N THR B 108 22.73 3.16 6.00
CA THR B 108 22.78 2.46 7.28
C THR B 108 24.09 1.68 7.42
N LYS B 109 24.49 1.46 8.66
CA LYS B 109 25.65 0.64 8.93
C LYS B 109 25.41 -0.78 8.46
N ALA B 110 26.51 -1.48 8.13
CA ALA B 110 26.39 -2.81 7.54
C ALA B 110 25.59 -3.76 8.43
N ASP B 111 25.85 -3.73 9.74
CA ASP B 111 25.19 -4.62 10.69
C ASP B 111 24.04 -3.93 11.41
N TRP B 112 23.35 -3.00 10.76
CA TRP B 112 22.23 -2.32 11.38
C TRP B 112 21.08 -3.30 11.62
N ASN B 113 20.24 -2.96 12.59
CA ASN B 113 19.10 -3.80 12.94
C ASN B 113 17.85 -3.26 12.25
N PRO B 114 17.30 -3.96 11.25
CA PRO B 114 16.12 -3.44 10.55
C PRO B 114 14.84 -3.53 11.34
N ASN B 115 14.85 -4.12 12.53
CA ASN B 115 13.69 -4.19 13.39
C ASN B 115 13.74 -3.15 14.51
N GLN B 116 14.74 -2.27 14.50
CA GLN B 116 14.87 -1.15 15.42
C GLN B 116 14.49 0.15 14.73
N PRO B 117 13.77 1.04 15.41
CA PRO B 117 13.41 2.31 14.78
C PRO B 117 14.65 3.06 14.29
N LEU B 118 14.51 3.72 13.15
CA LEU B 118 15.65 4.40 12.54
C LEU B 118 16.18 5.49 13.48
N ALA B 119 17.48 5.42 13.77
CA ALA B 119 18.14 6.36 14.64
C ALA B 119 19.48 6.72 14.04
N ARG B 120 20.14 7.71 14.64
CA ARG B 120 21.48 8.08 14.20
C ARG B 120 22.45 6.92 14.34
N ASP B 121 22.28 6.09 15.37
CA ASP B 121 23.15 4.93 15.54
C ASP B 121 22.94 3.90 14.45
N SER B 122 21.84 3.98 13.71
CA SER B 122 21.60 3.07 12.59
C SER B 122 22.41 3.43 11.36
N PHE B 123 22.76 4.71 11.20
CA PHE B 123 23.37 5.21 9.99
C PHE B 123 24.85 5.47 10.18
N ASP B 124 25.59 5.39 9.07
CA ASP B 124 26.95 5.93 8.99
C ASP B 124 26.83 7.43 8.83
N LEU B 125 27.03 8.17 9.93
CA LEU B 125 26.82 9.61 9.92
C LEU B 125 27.78 10.37 9.03
N ASN B 126 28.85 9.72 8.55
CA ASN B 126 29.69 10.31 7.53
C ASN B 126 29.02 10.04 6.18
N PRO B 127 28.43 11.07 5.56
CA PRO B 127 27.64 10.83 4.35
C PRO B 127 28.50 10.34 3.20
N PHE B 128 28.00 9.33 2.48
CA PHE B 128 28.73 8.79 1.34
C PHE B 128 28.56 9.65 0.09
N CYS B 129 27.78 10.72 0.14
CA CYS B 129 27.53 11.55 -1.03
C CYS B 129 27.05 12.91 -0.59
N VAL B 130 27.72 13.96 -1.07
CA VAL B 130 27.33 15.34 -0.81
C VAL B 130 27.34 16.08 -2.14
N VAL B 131 26.22 16.75 -2.45
CA VAL B 131 26.06 17.47 -3.70
C VAL B 131 25.80 18.94 -3.37
N ASP B 132 26.61 19.82 -3.94
CA ASP B 132 26.46 21.25 -3.70
C ASP B 132 25.23 21.77 -4.43
N GLY B 133 24.44 22.60 -3.73
CA GLY B 133 23.28 23.22 -4.33
C GLY B 133 23.58 24.60 -4.85
N GLY B 134 24.63 25.23 -4.33
CA GLY B 134 25.05 26.54 -4.78
C GLY B 134 24.12 27.68 -4.40
N MET B 135 23.18 27.45 -3.49
CA MET B 135 22.21 28.48 -3.07
C MET B 135 21.43 29.01 -4.26
N VAL B 136 21.17 28.15 -5.24
CA VAL B 136 20.35 28.50 -6.39
C VAL B 136 19.22 27.47 -6.51
N LYS B 137 18.18 27.85 -7.23
CA LYS B 137 17.08 26.93 -7.47
C LYS B 137 17.51 25.87 -8.47
N PRO B 138 17.30 24.59 -8.18
CA PRO B 138 17.64 23.55 -9.14
C PRO B 138 16.55 23.41 -10.19
N PRO B 139 16.78 22.61 -11.24
CA PRO B 139 15.68 22.27 -12.15
C PRO B 139 14.58 21.53 -11.41
N MET B 140 13.44 21.39 -12.08
CA MET B 140 12.31 20.69 -11.49
C MET B 140 12.57 19.21 -11.29
N ARG B 141 13.65 18.67 -11.84
CA ARG B 141 14.00 17.27 -11.66
C ARG B 141 15.50 17.14 -11.89
N VAL B 142 16.21 16.57 -10.91
CA VAL B 142 17.66 16.44 -10.96
C VAL B 142 18.03 15.00 -10.61
N SER B 143 19.29 14.67 -10.92
CA SER B 143 19.87 13.39 -10.53
C SER B 143 21.28 13.63 -10.02
N HIS B 144 21.71 12.80 -9.07
CA HIS B 144 23.00 12.93 -8.44
C HIS B 144 23.75 11.61 -8.54
N LEU B 145 25.03 11.67 -8.89
CA LEU B 145 25.87 10.49 -8.94
C LEU B 145 26.52 10.29 -7.58
N CYS B 146 26.24 9.15 -6.95
CA CYS B 146 26.70 8.87 -5.60
C CYS B 146 27.39 7.51 -5.56
N ASN B 147 28.51 7.45 -4.87
CA ASN B 147 29.27 6.21 -4.72
C ASN B 147 28.68 5.42 -3.56
N VAL B 148 27.78 4.52 -3.89
CA VAL B 148 27.10 3.71 -2.87
C VAL B 148 28.07 2.70 -2.29
N PRO B 149 28.24 2.65 -0.96
CA PRO B 149 29.18 1.69 -0.37
C PRO B 149 28.70 0.27 -0.54
N GLU B 150 29.64 -0.67 -0.37
CA GLU B 150 29.31 -2.08 -0.48
C GLU B 150 28.50 -2.53 0.74
N ARG B 151 27.37 -3.18 0.48
CA ARG B 151 26.49 -3.69 1.53
C ARG B 151 25.94 -5.03 1.09
N GLU B 152 25.12 -5.63 1.96
CA GLU B 152 24.46 -6.89 1.65
C GLU B 152 23.04 -6.84 2.21
N GLY B 153 22.08 -7.29 1.42
CA GLY B 153 20.72 -7.39 1.90
C GLY B 153 20.04 -6.05 2.11
N TYR B 154 19.11 -6.03 3.07
CA TYR B 154 18.29 -4.86 3.33
C TYR B 154 19.13 -3.74 3.94
N GLN B 155 19.11 -2.58 3.29
CA GLN B 155 19.74 -1.37 3.80
C GLN B 155 18.78 -0.21 3.59
N VAL B 156 19.04 0.90 4.28
CA VAL B 156 18.23 2.10 4.15
C VAL B 156 19.14 3.28 3.84
N ILE B 157 18.81 4.03 2.80
CA ILE B 157 19.52 5.25 2.42
C ILE B 157 18.66 6.44 2.77
N LEU B 158 19.22 7.38 3.52
CA LEU B 158 18.54 8.62 3.88
C LEU B 158 19.02 9.74 2.97
N ALA B 159 18.11 10.28 2.17
CA ALA B 159 18.41 11.40 1.29
C ALA B 159 17.89 12.68 1.92
N VAL B 160 18.78 13.64 2.12
CA VAL B 160 18.47 14.87 2.83
C VAL B 160 18.59 16.04 1.85
N TRP B 161 17.48 16.74 1.64
CA TRP B 161 17.44 17.93 0.79
C TRP B 161 17.39 19.15 1.70
N ASP B 162 18.49 19.88 1.79
CA ASP B 162 18.61 21.04 2.66
C ASP B 162 18.39 22.29 1.81
N VAL B 163 17.20 22.89 1.92
CA VAL B 163 16.89 24.08 1.14
C VAL B 163 17.46 25.31 1.84
N GLY B 164 17.72 26.35 1.05
CA GLY B 164 18.44 27.51 1.55
C GLY B 164 17.58 28.68 1.99
N ASP B 165 16.28 28.64 1.71
CA ASP B 165 15.39 29.73 2.03
C ASP B 165 14.52 29.45 3.25
N THR B 166 14.69 28.32 3.92
CA THR B 166 13.97 28.00 5.14
C THR B 166 14.93 27.40 6.16
N ALA B 167 14.41 27.09 7.34
CA ALA B 167 15.15 26.33 8.35
C ALA B 167 14.73 24.86 8.35
N ALA B 168 14.30 24.35 7.20
CA ALA B 168 13.78 23.00 7.09
C ALA B 168 14.54 22.22 6.03
N SER B 169 14.49 20.90 6.14
CA SER B 169 15.03 20.01 5.14
C SER B 169 13.97 18.98 4.78
N PHE B 170 14.16 18.33 3.64
CA PHE B 170 13.29 17.25 3.21
C PHE B 170 14.03 15.93 3.35
N TYR B 171 13.44 14.99 4.09
CA TYR B 171 14.05 13.73 4.43
C TYR B 171 13.30 12.61 3.73
N ASN B 172 14.01 11.84 2.91
CA ASN B 172 13.43 10.71 2.20
C ASN B 172 14.28 9.47 2.46
N VAL B 173 13.78 8.56 3.28
CA VAL B 173 14.42 7.27 3.46
C VAL B 173 14.15 6.41 2.24
N ILE B 174 15.14 5.62 1.86
CA ILE B 174 15.05 4.75 0.68
C ILE B 174 15.34 3.31 1.14
N ASP B 175 14.39 2.42 0.89
CA ASP B 175 14.54 1.01 1.26
C ASP B 175 15.19 0.28 0.08
N VAL B 176 16.44 -0.14 0.25
CA VAL B 176 17.20 -0.75 -0.83
C VAL B 176 17.56 -2.18 -0.45
N LYS B 177 17.88 -2.98 -1.48
CA LYS B 177 18.17 -4.40 -1.34
C LYS B 177 19.42 -4.72 -2.14
N PHE B 178 20.54 -4.94 -1.45
CA PHE B 178 21.80 -5.34 -2.09
C PHE B 178 21.73 -6.83 -2.41
N ASP B 179 21.18 -7.15 -3.58
CA ASP B 179 21.02 -8.54 -3.99
C ASP B 179 22.28 -9.14 -4.57
N GLY B 180 23.35 -8.37 -4.73
CA GLY B 180 24.57 -8.92 -5.33
C GLY B 180 24.34 -9.22 -6.79
N ASP B 181 24.78 -10.39 -7.23
CA ASP B 181 24.64 -10.81 -8.62
C ASP B 181 24.08 -12.22 -8.80
N SER B 182 24.07 -13.05 -7.76
CA SER B 182 23.48 -14.38 -7.87
C SER B 182 21.96 -14.27 -7.78
N PRO B 183 21.22 -14.61 -8.84
CA PRO B 183 19.75 -14.48 -8.79
C PRO B 183 19.14 -15.45 -7.80
N VAL B 184 18.40 -14.91 -6.83
CA VAL B 184 17.76 -15.73 -5.81
C VAL B 184 16.56 -16.43 -6.40
N LEU B 185 16.48 -17.75 -6.23
CA LEU B 185 15.40 -18.59 -6.72
C LEU B 185 15.21 -18.41 -8.22
N PRO B 186 16.11 -18.94 -9.05
CA PRO B 186 15.93 -18.81 -10.50
C PRO B 186 14.80 -19.67 -11.04
N ASP B 187 14.41 -20.73 -10.33
CA ASP B 187 13.30 -21.58 -10.73
C ASP B 187 11.95 -21.07 -10.21
N TRP B 188 11.91 -19.87 -9.65
CA TRP B 188 10.68 -19.27 -9.15
C TRP B 188 10.54 -17.86 -9.70
N ASN B 189 9.34 -17.51 -10.13
CA ASN B 189 9.07 -16.21 -10.72
C ASN B 189 7.77 -15.65 -10.14
N GLN B 190 7.78 -14.36 -9.82
CA GLN B 190 6.60 -13.73 -9.25
C GLN B 190 5.50 -13.62 -10.30
N GLY B 191 4.27 -13.93 -9.89
CA GLY B 191 3.14 -13.89 -10.79
C GLY B 191 1.88 -13.33 -10.15
N GLY B 192 2.04 -12.64 -9.02
CA GLY B 192 0.90 -12.06 -8.33
C GLY B 192 1.31 -11.61 -6.95
N GLN B 193 0.41 -10.84 -6.33
CA GLN B 193 0.65 -10.29 -5.01
C GLN B 193 -0.64 -10.37 -4.20
N ILE B 194 -0.50 -10.55 -2.89
CA ILE B 194 -1.62 -10.53 -1.96
C ILE B 194 -1.50 -9.21 -1.23
N TYR B 195 -2.23 -8.21 -1.71
CA TYR B 195 -2.23 -6.92 -1.02
C TYR B 195 -3.22 -6.95 0.14
N PRO B 196 -2.88 -6.31 1.26
CA PRO B 196 -3.88 -6.13 2.32
C PRO B 196 -4.96 -5.16 1.86
N SER B 197 -5.80 -5.62 0.93
CA SER B 197 -6.65 -4.72 0.16
C SER B 197 -7.81 -4.14 0.98
N GLN B 198 -8.24 -4.82 2.03
CA GLN B 198 -9.41 -4.42 2.78
C GLN B 198 -9.55 -5.31 4.00
N ASP B 199 -10.34 -4.84 4.97
CA ASP B 199 -10.71 -5.66 6.11
C ASP B 199 -11.94 -6.49 5.74
N LEU B 200 -11.96 -7.73 6.22
CA LEU B 200 -13.07 -8.64 5.97
C LEU B 200 -13.80 -8.92 7.28
N ASN B 201 -15.01 -9.47 7.15
CA ASN B 201 -15.85 -9.79 8.29
C ASN B 201 -15.97 -11.29 8.46
N VAL B 202 -16.45 -11.70 9.64
CA VAL B 202 -16.67 -13.11 9.91
C VAL B 202 -17.75 -13.63 8.97
N GLY B 203 -17.45 -14.74 8.29
CA GLY B 203 -18.32 -15.31 7.28
C GLY B 203 -17.82 -15.06 5.86
N ASP B 204 -17.06 -13.99 5.65
CA ASP B 204 -16.45 -13.75 4.36
C ASP B 204 -15.31 -14.74 4.12
N SER B 205 -14.79 -14.72 2.90
CA SER B 205 -13.63 -15.53 2.57
C SER B 205 -12.86 -14.86 1.44
N VAL B 206 -11.62 -15.31 1.27
CA VAL B 206 -10.71 -14.77 0.25
C VAL B 206 -10.00 -15.95 -0.39
N TYR B 207 -9.89 -15.93 -1.71
CA TYR B 207 -9.35 -17.09 -2.42
C TYR B 207 -8.55 -16.64 -3.64
N THR B 208 -7.80 -17.57 -4.19
CA THR B 208 -6.91 -17.32 -5.31
C THR B 208 -7.49 -17.88 -6.60
N ARG B 209 -7.16 -17.22 -7.71
CA ARG B 209 -7.52 -17.67 -9.04
C ARG B 209 -6.23 -17.79 -9.84
N VAL B 210 -5.84 -19.03 -10.15
CA VAL B 210 -4.54 -19.32 -10.73
C VAL B 210 -4.70 -19.48 -12.24
N PHE B 211 -4.07 -18.57 -12.98
CA PHE B 211 -4.17 -18.55 -14.44
C PHE B 211 -2.95 -19.27 -15.03
N GLY B 212 -3.21 -20.29 -15.83
CA GLY B 212 -2.16 -21.09 -16.43
C GLY B 212 -2.33 -21.21 -17.94
N GLN B 213 -1.98 -22.38 -18.46
CA GLN B 213 -2.02 -22.60 -19.89
C GLN B 213 -3.45 -22.74 -20.40
N ASN B 214 -4.34 -23.30 -19.59
CA ASN B 214 -5.74 -23.48 -20.00
C ASN B 214 -6.65 -22.62 -19.13
N GLY B 215 -6.37 -21.32 -19.06
CA GLY B 215 -7.17 -20.44 -18.23
C GLY B 215 -7.00 -20.76 -16.75
N GLU B 216 -8.03 -20.38 -15.99
CA GLU B 216 -8.03 -20.65 -14.56
C GLU B 216 -8.27 -22.13 -14.30
N ASN B 217 -7.53 -22.67 -13.33
CA ASN B 217 -7.62 -24.08 -12.94
C ASN B 217 -7.83 -24.14 -11.44
N VAL B 218 -9.01 -24.59 -11.02
CA VAL B 218 -9.35 -24.55 -9.59
C VAL B 218 -8.66 -25.62 -8.77
N SER B 219 -7.92 -26.54 -9.40
CA SER B 219 -7.10 -27.47 -8.62
C SER B 219 -6.02 -26.74 -7.85
N TYR B 220 -5.56 -25.59 -8.36
CA TYR B 220 -4.54 -24.78 -7.72
C TYR B 220 -5.13 -23.72 -6.79
N SER B 221 -6.46 -23.63 -6.69
CA SER B 221 -7.07 -22.59 -5.88
C SER B 221 -6.87 -22.87 -4.39
N THR B 222 -6.79 -21.78 -3.63
CA THR B 222 -6.70 -21.83 -2.17
C THR B 222 -7.73 -20.85 -1.61
N GLU B 223 -8.48 -21.27 -0.60
CA GLU B 223 -9.49 -20.41 0.01
C GLU B 223 -9.28 -20.35 1.52
N LEU B 224 -9.39 -19.15 2.07
CA LEU B 224 -9.26 -18.91 3.50
C LEU B 224 -10.58 -18.33 4.02
N VAL B 225 -11.24 -19.08 4.90
CA VAL B 225 -12.48 -18.61 5.52
C VAL B 225 -12.15 -17.69 6.68
N ILE B 226 -12.72 -16.50 6.69
CA ILE B 226 -12.57 -15.54 7.77
C ILE B 226 -13.52 -15.97 8.89
N ASP B 227 -12.98 -16.60 9.93
CA ASP B 227 -13.79 -17.17 11.00
C ASP B 227 -13.62 -16.45 12.34
N SER B 228 -12.81 -15.40 12.40
CA SER B 228 -12.65 -14.64 13.63
C SER B 228 -12.44 -13.17 13.27
N GLU B 229 -12.77 -12.30 14.23
CA GLU B 229 -12.63 -10.86 13.99
C GLU B 229 -11.18 -10.46 13.83
N GLU B 230 -10.26 -11.16 14.50
CA GLU B 230 -8.84 -10.83 14.36
C GLU B 230 -8.34 -11.19 12.96
N LEU B 231 -8.78 -12.32 12.42
CA LEU B 231 -8.38 -12.72 11.08
C LEU B 231 -8.95 -11.81 10.01
N GLY B 232 -10.00 -11.05 10.33
CA GLY B 232 -10.57 -10.09 9.38
C GLY B 232 -9.66 -8.92 9.08
N ALA B 233 -8.64 -8.69 9.90
CA ALA B 233 -7.69 -7.62 9.63
C ALA B 233 -6.92 -7.93 8.36
N ALA B 234 -6.71 -6.90 7.53
CA ALA B 234 -6.12 -7.10 6.21
C ALA B 234 -4.77 -7.79 6.31
N ASN B 235 -3.89 -7.29 7.18
CA ASN B 235 -2.57 -7.92 7.33
C ASN B 235 -2.66 -9.32 7.93
N ASN B 236 -3.78 -9.67 8.55
CA ASN B 236 -3.90 -10.98 9.17
C ASN B 236 -4.28 -12.06 8.16
N TRP B 237 -5.33 -11.81 7.36
CA TRP B 237 -5.71 -12.81 6.38
C TRP B 237 -4.76 -12.85 5.19
N SER B 238 -4.03 -11.77 4.92
CA SER B 238 -2.98 -11.82 3.91
C SER B 238 -1.91 -12.83 4.28
N HIS B 239 -1.42 -12.76 5.53
CA HIS B 239 -0.42 -13.72 5.98
C HIS B 239 -1.00 -15.13 6.09
N ALA B 240 -2.25 -15.25 6.54
CA ALA B 240 -2.85 -16.56 6.68
C ALA B 240 -3.13 -17.20 5.32
N LEU B 241 -3.56 -16.39 4.34
CA LEU B 241 -3.76 -16.91 3.00
C LEU B 241 -2.44 -17.35 2.39
N ALA B 242 -1.38 -16.55 2.57
CA ALA B 242 -0.06 -16.94 2.07
C ALA B 242 0.42 -18.22 2.74
N THR B 243 0.17 -18.35 4.04
CA THR B 243 0.54 -19.57 4.75
C THR B 243 -0.24 -20.77 4.23
N LYS B 244 -1.56 -20.62 4.11
CA LYS B 244 -2.39 -21.73 3.63
C LYS B 244 -2.05 -22.11 2.20
N ILE B 245 -1.70 -21.13 1.37
CA ILE B 245 -1.23 -21.41 0.01
C ILE B 245 -0.02 -22.33 0.05
N ASN B 246 0.94 -22.05 0.94
CA ASN B 246 2.16 -22.83 0.99
C ASN B 246 1.91 -24.24 1.50
N GLN B 247 0.92 -24.43 2.37
CA GLN B 247 0.62 -25.76 2.88
C GLN B 247 0.07 -26.66 1.78
N GLU B 248 -0.83 -26.12 0.95
CA GLU B 248 -1.65 -26.92 0.05
C GLU B 248 -1.10 -27.04 -1.36
N GLN B 249 -0.32 -26.06 -1.82
CA GLN B 249 0.17 -26.04 -3.19
C GLN B 249 1.68 -26.22 -3.21
N THR B 250 2.17 -26.96 -4.21
CA THR B 250 3.59 -27.16 -4.41
C THR B 250 4.16 -26.40 -5.60
N MET B 251 3.31 -26.03 -6.57
CA MET B 251 3.77 -25.32 -7.76
C MET B 251 3.75 -23.81 -7.60
N LEU B 252 3.22 -23.29 -6.50
CA LEU B 252 3.28 -21.87 -6.24
C LEU B 252 3.40 -21.62 -4.74
N GLN B 253 4.26 -20.66 -4.39
CA GLN B 253 4.51 -20.29 -3.00
C GLN B 253 4.28 -18.80 -2.83
N ALA B 254 3.89 -18.40 -1.62
CA ALA B 254 3.54 -17.01 -1.33
C ALA B 254 4.37 -16.51 -0.16
N GLY B 255 4.79 -15.25 -0.26
CA GLY B 255 5.59 -14.62 0.77
C GLY B 255 6.76 -13.85 0.17
N GLN B 256 7.44 -13.13 1.05
CA GLN B 256 8.61 -12.34 0.67
C GLN B 256 9.87 -13.19 0.74
N LEU B 257 10.94 -12.67 0.14
CA LEU B 257 12.26 -13.30 0.21
C LEU B 257 12.95 -12.76 1.46
N ASN B 258 12.97 -13.57 2.51
CA ASN B 258 13.56 -13.16 3.79
C ASN B 258 15.08 -13.08 3.66
N ALA B 259 15.76 -12.88 4.79
CA ALA B 259 17.22 -12.83 4.77
C ALA B 259 17.81 -14.17 4.34
N GLU B 260 17.15 -15.28 4.69
CA GLU B 260 17.58 -16.61 4.29
C GLU B 260 17.16 -16.95 2.86
N GLY B 261 16.61 -15.98 2.11
CA GLY B 261 16.18 -16.20 0.75
C GLY B 261 14.93 -17.03 0.58
N VAL B 262 14.48 -17.73 1.62
CA VAL B 262 13.30 -18.57 1.50
C VAL B 262 12.05 -17.71 1.37
N ILE B 263 11.03 -18.26 0.73
CA ILE B 263 9.75 -17.57 0.57
C ILE B 263 8.97 -17.72 1.88
N SER B 264 8.88 -16.64 2.64
CA SER B 264 8.25 -16.65 3.95
C SER B 264 7.09 -15.66 3.98
N PRO B 265 5.89 -16.09 4.39
CA PRO B 265 4.77 -15.15 4.47
C PRO B 265 5.03 -14.06 5.50
N ILE B 266 4.70 -12.82 5.12
CA ILE B 266 4.81 -11.68 6.01
C ILE B 266 3.42 -11.14 6.29
N TYR B 267 3.32 -10.32 7.32
CA TYR B 267 2.04 -9.72 7.71
C TYR B 267 1.81 -8.39 6.98
N GLY B 268 1.92 -8.45 5.66
CA GLY B 268 1.69 -7.30 4.81
C GLY B 268 1.38 -7.71 3.38
N THR B 269 2.21 -7.26 2.44
CA THR B 269 2.05 -7.63 1.03
C THR B 269 2.87 -8.89 0.76
N ASN B 270 2.18 -9.95 0.33
CA ASN B 270 2.84 -11.22 0.05
C ASN B 270 2.86 -11.48 -1.45
N PRO B 271 4.01 -11.39 -2.11
CA PRO B 271 4.08 -11.79 -3.52
C PRO B 271 3.91 -13.29 -3.67
N ILE B 272 3.34 -13.69 -4.81
CA ILE B 272 3.08 -15.09 -5.11
C ILE B 272 4.05 -15.50 -6.22
N TYR B 273 4.84 -16.54 -5.95
CA TYR B 273 5.83 -17.04 -6.89
C TYR B 273 5.32 -18.31 -7.57
N LEU B 274 5.75 -18.51 -8.81
CA LEU B 274 5.32 -19.64 -9.62
C LEU B 274 6.54 -20.47 -9.99
N LYS B 275 6.44 -21.78 -9.84
CA LYS B 275 7.56 -22.67 -10.14
C LYS B 275 7.81 -22.71 -11.64
N GLN B 276 9.05 -22.47 -12.04
CA GLN B 276 9.40 -22.49 -13.45
C GLN B 276 9.25 -23.90 -14.00
N GLY B 277 8.49 -24.04 -15.08
CA GLY B 277 8.17 -25.33 -15.65
C GLY B 277 6.83 -25.89 -15.23
N SER B 278 6.07 -25.16 -14.42
CA SER B 278 4.75 -25.61 -14.00
C SER B 278 3.64 -25.20 -14.96
N GLY B 279 3.90 -24.21 -15.81
CA GLY B 279 2.90 -23.71 -16.73
C GLY B 279 2.05 -22.58 -16.19
N LEU B 280 2.17 -22.24 -14.91
CA LEU B 280 1.39 -21.16 -14.34
C LEU B 280 1.93 -19.81 -14.80
N LYS B 281 1.02 -18.86 -14.98
CA LYS B 281 1.35 -17.54 -15.50
C LYS B 281 1.02 -16.41 -14.55
N ASN B 282 -0.11 -16.46 -13.86
CA ASN B 282 -0.56 -15.35 -13.05
C ASN B 282 -1.52 -15.85 -11.98
N VAL B 283 -1.51 -15.19 -10.83
CA VAL B 283 -2.43 -15.48 -9.74
C VAL B 283 -3.11 -14.18 -9.35
N GLU B 284 -4.45 -14.22 -9.27
CA GLU B 284 -5.24 -13.09 -8.80
C GLU B 284 -5.97 -13.48 -7.52
N ILE B 285 -6.51 -12.47 -6.85
CA ILE B 285 -7.21 -12.65 -5.58
C ILE B 285 -8.67 -12.25 -5.76
N ASP B 286 -9.56 -13.05 -5.20
CA ASP B 286 -10.99 -12.75 -5.23
C ASP B 286 -11.57 -12.92 -3.84
N TYR B 287 -12.77 -12.37 -3.64
CA TYR B 287 -13.37 -12.27 -2.32
C TYR B 287 -14.83 -12.69 -2.36
N LYS B 288 -15.25 -13.47 -1.36
CA LYS B 288 -16.64 -13.85 -1.17
C LYS B 288 -17.19 -13.02 -0.01
N ILE B 289 -18.10 -12.10 -0.31
CA ILE B 289 -18.73 -11.26 0.73
C ILE B 289 -20.04 -11.94 1.08
N ASN B 290 -19.95 -12.96 1.91
CA ASN B 290 -21.10 -13.81 2.25
C ASN B 290 -21.70 -13.48 3.60
N SER B 291 -21.17 -12.50 4.32
CA SER B 291 -21.72 -12.11 5.60
C SER B 291 -23.12 -11.51 5.48
N GLU B 321 -35.98 7.69 6.26
CA GLU B 321 -36.10 6.38 6.89
C GLU B 321 -34.83 5.57 6.65
N ALA B 322 -34.20 5.11 7.73
CA ALA B 322 -32.92 4.41 7.64
C ALA B 322 -33.16 2.92 7.87
N THR B 323 -32.99 2.14 6.81
CA THR B 323 -33.05 0.68 6.89
C THR B 323 -31.64 0.13 6.95
N GLY B 324 -31.30 -0.50 8.06
CA GLY B 324 -29.95 -0.97 8.29
C GLY B 324 -29.04 0.13 8.77
N ASP B 325 -27.90 -0.29 9.34
CA ASP B 325 -26.91 0.65 9.86
C ASP B 325 -26.15 1.26 8.68
N ILE B 326 -26.45 2.52 8.37
CA ILE B 326 -25.97 3.16 7.15
C ILE B 326 -25.24 4.46 7.49
N LYS B 327 -24.47 4.94 6.52
CA LYS B 327 -23.81 6.24 6.57
C LYS B 327 -24.13 6.98 5.28
N THR B 328 -24.82 8.10 5.39
CA THR B 328 -25.39 8.78 4.23
C THR B 328 -24.59 10.03 3.89
N GLU B 329 -24.62 10.39 2.60
CA GLU B 329 -23.98 11.60 2.08
C GLU B 329 -24.91 12.20 1.04
N MET B 330 -25.31 13.45 1.23
CA MET B 330 -26.23 14.14 0.34
C MET B 330 -25.62 15.43 -0.17
N THR B 331 -25.86 15.73 -1.45
CA THR B 331 -25.31 16.92 -2.11
C THR B 331 -26.36 17.50 -3.03
N VAL B 332 -26.40 18.82 -3.13
CA VAL B 332 -27.34 19.54 -3.98
C VAL B 332 -26.61 20.10 -5.18
N TYR B 333 -27.10 19.77 -6.37
CA TYR B 333 -26.57 20.31 -7.62
C TYR B 333 -27.66 21.12 -8.32
N ASN B 334 -27.23 22.04 -9.18
CA ASN B 334 -28.14 22.91 -9.91
C ASN B 334 -28.15 22.54 -11.40
N HIS B 335 -28.70 23.44 -12.21
CA HIS B 335 -28.76 23.22 -13.65
C HIS B 335 -27.38 23.07 -14.26
N HIS B 336 -26.39 23.77 -13.72
CA HIS B 336 -25.05 23.81 -14.30
C HIS B 336 -24.05 22.94 -13.53
N HIS B 337 -24.54 21.93 -12.79
CA HIS B 337 -23.70 20.91 -12.16
C HIS B 337 -22.70 21.52 -11.18
N GLU B 338 -23.21 22.37 -10.29
CA GLU B 338 -22.40 23.03 -9.28
C GLU B 338 -22.92 22.66 -7.90
N SER B 339 -21.99 22.36 -6.99
CA SER B 339 -22.36 21.95 -5.64
C SER B 339 -22.85 23.14 -4.83
N LEU B 340 -23.97 22.94 -4.12
CA LEU B 340 -24.59 24.01 -3.36
C LEU B 340 -24.83 23.69 -1.89
N SER B 341 -24.75 22.43 -1.48
CA SER B 341 -25.02 22.05 -0.10
C SER B 341 -24.56 20.61 0.11
N SER B 342 -24.35 20.25 1.37
CA SER B 342 -23.92 18.90 1.72
C SER B 342 -24.42 18.57 3.12
N HIS B 343 -24.59 17.28 3.39
CA HIS B 343 -25.09 16.84 4.69
C HIS B 343 -24.72 15.37 4.88
N SER B 344 -23.76 15.10 5.74
CA SER B 344 -23.43 13.75 6.15
C SER B 344 -24.21 13.38 7.40
N ALA B 345 -24.49 12.09 7.55
CA ALA B 345 -25.28 11.61 8.69
C ALA B 345 -25.07 10.12 8.85
N GLU B 346 -24.48 9.71 9.97
CA GLU B 346 -24.26 8.30 10.28
C GLU B 346 -25.44 7.78 11.10
N LEU B 347 -26.55 7.56 10.41
CA LEU B 347 -27.75 7.09 11.07
C LEU B 347 -27.60 5.63 11.53
N SER B 348 -28.50 5.23 12.43
CA SER B 348 -28.61 3.85 12.88
C SER B 348 -29.84 3.22 12.26
N ASP B 349 -30.10 1.97 12.64
CA ASP B 349 -31.24 1.25 12.09
C ASP B 349 -32.54 1.78 12.67
N GLY B 350 -33.47 2.18 11.80
CA GLY B 350 -34.77 2.68 12.21
C GLY B 350 -34.80 4.12 12.66
N GLN B 351 -33.66 4.75 12.92
CA GLN B 351 -33.64 6.12 13.38
C GLN B 351 -34.17 7.07 12.30
N VAL B 352 -35.12 7.93 12.67
CA VAL B 352 -35.66 8.91 11.75
C VAL B 352 -35.21 10.30 12.18
N GLU B 353 -34.05 10.73 11.70
CA GLU B 353 -33.49 12.01 12.08
C GLU B 353 -33.91 13.09 11.08
N ALA B 354 -33.84 14.34 11.53
CA ALA B 354 -34.23 15.49 10.73
C ALA B 354 -33.01 16.14 10.09
N ALA B 355 -33.14 16.47 8.80
CA ALA B 355 -32.08 17.09 8.04
C ALA B 355 -32.50 18.48 7.57
N THR B 356 -31.52 19.39 7.49
CA THR B 356 -31.76 20.75 7.05
C THR B 356 -30.58 21.22 6.21
N MET B 357 -30.83 21.55 4.95
CA MET B 357 -29.81 21.98 4.01
C MET B 357 -30.10 23.40 3.54
N THR B 358 -29.05 24.21 3.45
CA THR B 358 -29.15 25.58 2.95
C THR B 358 -28.37 25.68 1.64
N LEU B 359 -29.04 26.19 0.61
CA LEU B 359 -28.40 26.34 -0.69
C LEU B 359 -27.51 27.58 -0.69
N SER B 360 -26.25 27.40 -1.12
CA SER B 360 -25.36 28.54 -1.27
C SER B 360 -25.83 29.50 -2.36
N LYS B 361 -26.66 29.03 -3.29
CA LYS B 361 -27.26 29.87 -4.31
C LYS B 361 -28.70 29.44 -4.52
N SER B 362 -29.64 30.36 -4.33
CA SER B 362 -31.06 30.11 -4.54
C SER B 362 -31.46 30.79 -5.85
N GLU B 363 -31.19 30.10 -6.96
CA GLU B 363 -31.46 30.60 -8.29
C GLU B 363 -32.46 29.71 -9.00
N PRO B 364 -33.25 30.25 -9.93
CA PRO B 364 -34.23 29.43 -10.63
C PRO B 364 -33.57 28.46 -11.60
N GLY B 365 -34.26 27.35 -11.86
CA GLY B 365 -33.82 26.35 -12.80
C GLY B 365 -33.89 24.96 -12.22
N HIS B 366 -33.43 24.00 -13.01
CA HIS B 366 -33.45 22.60 -12.59
C HIS B 366 -32.37 22.34 -11.56
N HIS B 367 -32.74 21.60 -10.50
CA HIS B 367 -31.82 21.24 -9.44
C HIS B 367 -31.88 19.74 -9.19
N MET B 368 -30.84 19.21 -8.55
CA MET B 368 -30.74 17.80 -8.25
C MET B 368 -30.26 17.60 -6.82
N LEU B 369 -30.79 16.58 -6.15
CA LEU B 369 -30.37 16.18 -4.81
C LEU B 369 -29.86 14.75 -4.86
N VAL B 370 -28.53 14.60 -4.84
CA VAL B 370 -27.90 13.28 -4.87
C VAL B 370 -27.83 12.72 -3.45
N VAL B 371 -28.28 11.49 -3.28
CA VAL B 371 -28.33 10.82 -1.99
C VAL B 371 -27.52 9.54 -2.10
N VAL B 372 -26.36 9.50 -1.44
CA VAL B 372 -25.46 8.35 -1.49
C VAL B 372 -25.64 7.55 -0.21
N VAL B 373 -25.89 6.25 -0.36
CA VAL B 373 -26.14 5.35 0.75
C VAL B 373 -24.93 4.41 0.88
N LYS B 374 -24.24 4.50 2.01
CA LYS B 374 -23.15 3.60 2.36
C LYS B 374 -23.51 2.83 3.63
N ASP B 375 -22.67 1.85 3.96
CA ASP B 375 -22.82 1.11 5.20
C ASP B 375 -21.91 1.73 6.27
N GLN B 376 -21.97 1.16 7.48
CA GLN B 376 -21.16 1.67 8.59
C GLN B 376 -19.67 1.56 8.33
N GLN B 377 -19.26 0.76 7.35
CA GLN B 377 -17.86 0.64 6.98
C GLN B 377 -17.48 1.48 5.77
N GLY B 378 -18.43 2.19 5.16
CA GLY B 378 -18.15 3.09 4.07
C GLY B 378 -18.30 2.53 2.68
N LYS B 379 -18.82 1.32 2.54
CA LYS B 379 -19.00 0.72 1.22
C LYS B 379 -20.24 1.31 0.55
N VAL B 380 -20.08 1.80 -0.67
CA VAL B 380 -21.20 2.39 -1.40
C VAL B 380 -22.23 1.32 -1.73
N ILE B 381 -23.48 1.56 -1.35
CA ILE B 381 -24.57 0.62 -1.58
C ILE B 381 -25.53 1.11 -2.64
N GLU B 382 -25.87 2.39 -2.64
CA GLU B 382 -26.88 2.92 -3.54
C GLU B 382 -26.74 4.43 -3.64
N GLN B 383 -27.13 4.96 -4.81
CA GLN B 383 -27.19 6.39 -5.05
C GLN B 383 -28.53 6.73 -5.70
N ASN B 384 -29.17 7.78 -5.20
CA ASN B 384 -30.44 8.25 -5.77
C ASN B 384 -30.36 9.75 -6.01
N THR B 385 -30.86 10.18 -7.17
CA THR B 385 -30.84 11.59 -7.56
C THR B 385 -32.28 12.03 -7.80
N LEU B 386 -32.79 12.90 -6.93
CA LEU B 386 -34.13 13.44 -7.04
C LEU B 386 -34.08 14.82 -7.70
N ASP B 387 -35.12 15.13 -8.47
CA ASP B 387 -35.19 16.36 -9.23
C ASP B 387 -36.16 17.34 -8.58
N PHE B 388 -35.84 18.62 -8.65
CA PHE B 388 -36.71 19.67 -8.16
C PHE B 388 -36.29 21.00 -8.79
N HIS B 389 -37.16 21.99 -8.67
CA HIS B 389 -36.94 23.30 -9.28
C HIS B 389 -37.18 24.39 -8.24
N LEU B 390 -36.54 25.54 -8.45
CA LEU B 390 -36.77 26.71 -7.61
C LEU B 390 -37.51 27.80 -8.38
CU CU C . -8.36 -12.55 -15.31
CU CU D . 8.68 23.11 -0.53
S SO4 E . 1.48 -16.29 -23.32
O1 SO4 E . 0.53 -15.31 -23.84
O2 SO4 E . 2.45 -16.62 -24.34
O3 SO4 E . 0.75 -17.50 -22.92
O4 SO4 E . 2.16 -15.73 -22.15
#